data_9L6S
#
_entry.id   9L6S
#
_cell.length_a   1.00
_cell.length_b   1.00
_cell.length_c   1.00
_cell.angle_alpha   90.00
_cell.angle_beta   90.00
_cell.angle_gamma   90.00
#
_symmetry.space_group_name_H-M   'P 1'
#
loop_
_entity.id
_entity.type
_entity.pdbx_description
1 polymer 'Coagulation factor X'
2 polymer 'Vitamin K-dependent gamma-carboxylase'
3 branched beta-D-mannopyranose-(1-4)-2-acetamido-2-deoxy-beta-D-glucopyranose-(1-4)-2-acetamido-2-deoxy-beta-D-glucopyranose
4 branched 2-acetamido-2-deoxy-beta-D-glucopyranose-(1-4)-2-acetamido-2-deoxy-beta-D-glucopyranose
5 non-polymer 2-acetamido-2-deoxy-beta-D-glucopyranose
6 non-polymer 2-methyl-3-[(2~{E},6~{E},10~{E})-3,7,11,15-tetramethylhexadeca-2,6,10,14-tetraenyl]naphthalene-1,4-diol
7 non-polymer '(4S,7R)-4-HYDROXY-N,N,N-TRIMETHYL-9-OXO-7-[(PALMITOYLOXY)METHYL]-3,5,8-TRIOXA-4-PHOSPHAHEXACOSAN-1-AMINIUM 4-OXIDE'
8 non-polymer CHOLESTEROL
#
loop_
_entity_poly.entity_id
_entity_poly.type
_entity_poly.pdbx_seq_one_letter_code
_entity_poly.pdbx_strand_id
1 'polypeptide(L)'
;MGRPLHLVLLSASLAGLLLLGESLFIRREQANNILARVTRANSFLEEMKKGHLERECMEETCSYEEAREVFEDSDKTNEF
WNKYKDGDQCETSPCQNQGKCKDGLGEYTCTCLEGFEGKNCELFTRKLCSLDNGDCDQFCHEEQNSVVCSCARGYTLADN
GKACIPTGPYPCGKQTLERRKRSVAQATSSSGEAPDSITWKPYDAADLDPTENPFDLLDFNQTQPERGDNNLTRIVGGQE
CKDGECPWQALLINEENEGFCGGTILSEFYILTAAHCLYQAKRFKVRVGDRNTEQEEGGEAVHEVEVVIKHNRFTKETYD
FDIAVLRLKTPITFRMNVAPACLPERDWAESTLMTQKTGIVSGFGRTHEKGRQSTRLKMLEVPYVDRNSCKLSSSFIITQ
NMFCAGYDTKQEDACQGDSGGPHVTRFKDTYFVTGIVSWGEGCARKGKYGIYTKVTAFLKWIDRSMKTRGLPKAKSHAPE
VITSSPLK
;
C
2 'polypeptide(L)'
;MAVSAGSARTSPSSDKVQKDKAELISGPRQDSRIGKLLGFEWTDLSSWRRLVTLLNRPTDPASLAVFRFLFGFLMVLDIP
QERGLSSLDRKYLDGLDVCRFPLLDALRPLPLDWMYLVYTIMFLGALGMMLGLCYRISCVLFLLPYWYVFLLDKTSWNNH
SYLYGLLAFQLTFMDANHYWSVDGLLNAHRRNAHVPLWNYAVLRGQIFIVYFIAGVAALDADWVEGYSMEYLSRHWLFSP
FKLLLSEELTSLLVVHWGGLLLDLSAGFLLFFDVSRSIGLFFVSYFHCMNSQLFSIGMFSYVMLASSPLFCSPEWPRKLV
SYCPRRLQQLLPLKAAPQPSVSCVYKRSRGKSGQKPGLRHQLGAAFTLLYLLEQLFLPYSHFLTQGYNNWTNGLYGYSWD
MMVHSRSHQHVKITYRDGRTGELGYLNPGVFTQSRRWKDHADMLKQYATCLSRLLPKYNVTEPQIYFDIWVSINDRFQQR
IFDPRVDIVQAAWSPFQRTSWVQPLLMDLSPWRAKLQEIKSSLDNHTEVVFIADFPGLHLENFVSEDLGNTSIQLLQGEV
TVELVAEQKNQTLREGEKMQLPAGEYHKVYTTSPSPSCYMYVYVNTTELALEQDLAYLQELKEKVENGSETGPLPPELQP
LLEGEVKGGPEPTPLVQTFLRRQQRLQEIERRRNTPFHERFFRFLLRKLYVFRRSFLMTCISLRNLILGRPSLEQLAQEV
TYANLRPFEAVGELNPSNTDSSHSNPPESNPDPVHSEF
;
A
#
# COMPACT_ATOMS: atom_id res chain seq x y z
N LEU A 24 -11.18 4.38 25.66
CA LEU A 24 -10.52 3.10 25.88
C LEU A 24 -11.54 2.00 26.08
N PHE A 25 -12.32 2.10 27.15
CA PHE A 25 -13.36 1.12 27.43
C PHE A 25 -14.67 1.53 26.78
N ILE A 26 -15.48 0.55 26.42
CA ILE A 26 -16.80 0.77 25.84
C ILE A 26 -17.80 -0.18 26.49
N ARG A 27 -19.05 -0.09 26.07
CA ARG A 27 -20.16 -0.84 26.64
C ARG A 27 -20.41 -2.12 25.86
N ARG A 28 -21.10 -3.05 26.51
CA ARG A 28 -21.39 -4.33 25.86
C ARG A 28 -22.32 -4.16 24.67
N GLU A 29 -23.22 -3.18 24.73
CA GLU A 29 -24.11 -2.93 23.61
C GLU A 29 -23.35 -2.46 22.38
N GLN A 30 -22.30 -1.67 22.59
CA GLN A 30 -21.51 -1.17 21.46
C GLN A 30 -20.62 -2.24 20.89
N ALA A 31 -20.04 -3.10 21.74
CA ALA A 31 -19.11 -4.11 21.26
C ALA A 31 -19.78 -5.13 20.37
N ASN A 32 -21.08 -5.37 20.55
CA ASN A 32 -21.80 -6.38 19.82
C ASN A 32 -22.73 -5.79 18.76
N ASN A 33 -22.52 -4.53 18.39
CA ASN A 33 -23.33 -3.87 17.36
C ASN A 33 -22.71 -4.18 16.00
N ILE A 34 -23.14 -5.30 15.42
CA ILE A 34 -22.58 -5.74 14.15
C ILE A 34 -23.04 -4.84 13.01
N LEU A 35 -24.31 -4.49 12.98
CA LEU A 35 -24.89 -3.74 11.86
C LEU A 35 -24.82 -2.24 12.10
N ALA A 36 -23.62 -1.77 12.45
CA ALA A 36 -23.39 -0.37 12.78
C ALA A 36 -23.01 0.38 11.51
N ARG A 37 -23.85 1.33 11.11
CA ARG A 37 -23.67 2.12 9.89
C ARG A 37 -23.17 1.27 8.74
N VAL A 38 -22.13 1.73 8.04
CA VAL A 38 -21.59 1.03 6.89
C VAL A 38 -20.09 0.86 7.07
N THR A 39 -19.58 -0.30 6.64
CA THR A 39 -18.17 -0.64 6.76
C THR A 39 -17.74 -1.36 5.48
N ARG A 40 -17.18 -0.60 4.55
CA ARG A 40 -16.71 -1.15 3.28
C ARG A 40 -15.66 -0.21 2.72
N ALA A 41 -14.52 -0.77 2.32
CA ALA A 41 -13.42 0.02 1.80
C ALA A 41 -12.63 -0.80 0.79
N ASN A 42 -11.98 -0.09 -0.13
CA ASN A 42 -11.12 -0.77 -1.10
C ASN A 42 -9.99 -1.50 -0.40
N SER A 43 -9.34 -0.85 0.56
CA SER A 43 -8.25 -1.45 1.31
C SER A 43 -7.23 -2.10 0.37
N PHE A 44 -6.57 -1.28 -0.44
CA PHE A 44 -5.44 -1.71 -1.24
C PHE A 44 -4.17 -1.43 -0.43
N LEU A 45 -3.38 -2.47 -0.19
CA LEU A 45 -2.16 -2.30 0.59
C LEU A 45 -1.08 -1.56 -0.21
N GLU A 46 -1.24 -1.46 -1.52
CA GLU A 46 -0.26 -0.72 -2.33
C GLU A 46 -0.45 0.78 -2.17
N GLU A 47 -1.68 1.23 -2.05
CA GLU A 47 -1.95 2.66 -1.98
C GLU A 47 -1.59 3.22 -0.61
N MET A 48 -0.88 4.34 -0.61
CA MET A 48 -0.51 5.02 0.63
C MET A 48 -1.75 5.66 1.22
N LYS A 49 -2.32 5.00 2.24
CA LYS A 49 -3.58 5.46 2.82
C LYS A 49 -3.44 6.86 3.42
N LYS A 50 -2.34 7.11 4.11
CA LYS A 50 -2.11 8.40 4.74
C LYS A 50 -0.67 8.53 5.21
N SER B 32 26.97 -13.30 -36.25
CA SER B 32 25.96 -14.33 -35.98
C SER B 32 24.61 -13.70 -35.72
N ARG B 33 23.54 -14.45 -36.04
CA ARG B 33 22.20 -13.98 -35.72
C ARG B 33 22.00 -13.83 -34.22
N ILE B 34 22.49 -14.80 -33.46
CA ILE B 34 22.38 -14.72 -32.00
C ILE B 34 23.21 -13.55 -31.48
N GLY B 35 24.35 -13.28 -32.10
CA GLY B 35 25.15 -12.14 -31.68
C GLY B 35 24.40 -10.83 -31.83
N LYS B 36 23.68 -10.66 -32.93
CA LYS B 36 22.94 -9.42 -33.16
C LYS B 36 21.60 -9.39 -32.44
N LEU B 37 21.09 -10.54 -32.01
CA LEU B 37 19.79 -10.61 -31.37
C LEU B 37 19.86 -10.57 -29.85
N LEU B 38 20.89 -11.15 -29.25
CA LEU B 38 21.04 -11.18 -27.81
C LEU B 38 22.19 -10.32 -27.30
N GLY B 39 23.08 -9.85 -28.17
CA GLY B 39 24.20 -9.05 -27.77
C GLY B 39 25.43 -9.83 -27.33
N PHE B 40 25.36 -11.15 -27.30
CA PHE B 40 26.51 -11.99 -26.96
C PHE B 40 26.38 -13.29 -27.73
N GLU B 41 27.27 -14.25 -27.43
CA GLU B 41 27.33 -15.50 -28.17
C GLU B 41 27.53 -16.65 -27.20
N TRP B 42 27.10 -17.84 -27.63
CA TRP B 42 27.20 -19.02 -26.78
C TRP B 42 28.64 -19.31 -26.39
N THR B 43 29.60 -18.87 -27.19
CA THR B 43 31.00 -19.10 -26.87
C THR B 43 31.43 -18.38 -25.60
N ASP B 44 30.81 -17.24 -25.30
CA ASP B 44 31.16 -16.47 -24.11
C ASP B 44 30.75 -17.14 -22.82
N LEU B 45 29.93 -18.19 -22.88
CA LEU B 45 29.52 -18.94 -21.70
C LEU B 45 30.30 -20.24 -21.55
N SER B 46 31.31 -20.47 -22.38
CA SER B 46 32.03 -21.73 -22.34
C SER B 46 32.77 -21.92 -21.02
N SER B 47 33.43 -20.88 -20.54
CA SER B 47 34.28 -21.00 -19.36
C SER B 47 34.03 -19.83 -18.43
N TRP B 48 34.53 -19.96 -17.20
CA TRP B 48 34.38 -18.89 -16.20
C TRP B 48 35.11 -17.63 -16.65
N ARG B 49 36.31 -17.78 -17.21
CA ARG B 49 37.05 -16.60 -17.66
C ARG B 49 36.32 -15.86 -18.75
N ARG B 50 35.74 -16.59 -19.71
CA ARG B 50 34.98 -15.94 -20.78
C ARG B 50 33.75 -15.22 -20.23
N LEU B 51 33.06 -15.83 -19.26
CA LEU B 51 31.91 -15.19 -18.64
C LEU B 51 32.31 -13.90 -17.94
N VAL B 52 33.40 -13.95 -17.16
CA VAL B 52 33.86 -12.77 -16.46
C VAL B 52 34.27 -11.68 -17.46
N THR B 53 34.91 -12.07 -18.55
CA THR B 53 35.30 -11.10 -19.57
C THR B 53 34.08 -10.46 -20.22
N LEU B 54 33.06 -11.25 -20.51
CA LEU B 54 31.84 -10.70 -21.12
C LEU B 54 31.13 -9.75 -20.17
N LEU B 55 31.03 -10.13 -18.88
CA LEU B 55 30.29 -9.31 -17.94
C LEU B 55 30.98 -7.99 -17.63
N ASN B 56 32.27 -7.87 -17.94
CA ASN B 56 33.02 -6.65 -17.70
C ASN B 56 33.39 -5.93 -19.00
N ARG B 57 32.56 -6.09 -20.02
CA ARG B 57 32.83 -5.49 -21.32
C ARG B 57 32.63 -3.98 -21.25
N PRO B 58 33.55 -3.19 -21.81
CA PRO B 58 33.41 -1.73 -21.75
C PRO B 58 32.11 -1.26 -22.40
N THR B 59 31.45 -0.30 -21.75
CA THR B 59 30.15 0.18 -22.19
C THR B 59 30.06 1.68 -21.98
N ASP B 60 29.14 2.31 -22.69
CA ASP B 60 28.92 3.74 -22.53
C ASP B 60 28.21 4.01 -21.20
N PRO B 61 28.59 5.05 -20.48
CA PRO B 61 27.98 5.35 -19.17
C PRO B 61 26.84 6.36 -19.18
N ALA B 62 26.34 6.78 -20.34
CA ALA B 62 25.42 7.92 -20.38
C ALA B 62 24.04 7.58 -19.80
N SER B 63 23.46 6.45 -20.24
CA SER B 63 22.12 6.10 -19.78
C SER B 63 22.10 5.82 -18.29
N LEU B 64 23.14 5.17 -17.77
CA LEU B 64 23.25 4.95 -16.35
C LEU B 64 23.27 6.26 -15.59
N ALA B 65 23.99 7.26 -16.11
CA ALA B 65 24.04 8.56 -15.45
C ALA B 65 22.69 9.25 -15.46
N VAL B 66 21.97 9.19 -16.57
CA VAL B 66 20.65 9.82 -16.63
C VAL B 66 19.71 9.16 -15.64
N PHE B 67 19.73 7.83 -15.56
CA PHE B 67 18.87 7.15 -14.60
C PHE B 67 19.27 7.48 -13.16
N ARG B 68 20.56 7.57 -12.89
CA ARG B 68 21.03 7.95 -11.56
C ARG B 68 20.48 9.31 -11.16
N PHE B 69 20.58 10.28 -12.07
CA PHE B 69 20.06 11.62 -11.78
C PHE B 69 18.56 11.61 -11.52
N LEU B 70 17.81 10.93 -12.39
CA LEU B 70 16.35 10.91 -12.22
C LEU B 70 15.94 10.22 -10.93
N PHE B 71 16.58 9.10 -10.59
CA PHE B 71 16.26 8.39 -9.36
C PHE B 71 16.57 9.24 -8.14
N GLY B 72 17.73 9.90 -8.12
CA GLY B 72 18.04 10.77 -7.00
C GLY B 72 17.06 11.92 -6.85
N PHE B 73 16.66 12.51 -7.98
CA PHE B 73 15.68 13.60 -7.93
C PHE B 73 14.35 13.12 -7.37
N LEU B 74 13.88 11.96 -7.83
CA LEU B 74 12.60 11.45 -7.34
C LEU B 74 12.68 11.07 -5.87
N MET B 75 13.82 10.54 -5.41
CA MET B 75 13.96 10.26 -3.98
C MET B 75 13.94 11.53 -3.16
N VAL B 76 14.59 12.59 -3.65
CA VAL B 76 14.57 13.88 -2.96
C VAL B 76 13.13 14.39 -2.86
N LEU B 77 12.36 14.23 -3.92
CA LEU B 77 10.95 14.65 -3.86
C LEU B 77 10.14 13.78 -2.91
N ASP B 78 10.43 12.47 -2.86
CA ASP B 78 9.61 11.55 -2.11
C ASP B 78 9.84 11.65 -0.60
N ILE B 79 11.07 11.98 -0.19
CA ILE B 79 11.39 11.97 1.24
C ILE B 79 10.42 12.81 2.07
N PRO B 80 10.07 14.04 1.66
CA PRO B 80 9.16 14.85 2.48
C PRO B 80 7.70 14.40 2.45
N GLN B 81 7.29 13.53 1.54
CA GLN B 81 5.87 13.26 1.34
C GLN B 81 5.43 11.87 1.82
N GLU B 82 5.99 10.80 1.27
CA GLU B 82 5.53 9.47 1.64
C GLU B 82 6.42 8.79 2.67
N ARG B 83 7.72 9.07 2.66
CA ARG B 83 8.59 8.51 3.69
C ARG B 83 8.21 9.05 5.07
N GLY B 84 7.52 10.18 5.12
CA GLY B 84 6.90 10.66 6.34
C GLY B 84 7.72 11.65 7.14
N LEU B 85 8.40 12.58 6.47
CA LEU B 85 9.17 13.60 7.16
C LEU B 85 8.29 14.72 7.71
N SER B 86 7.14 14.98 7.08
CA SER B 86 6.27 16.06 7.51
C SER B 86 5.37 15.69 8.68
N SER B 87 5.43 14.44 9.16
CA SER B 87 4.62 14.00 10.28
C SER B 87 5.47 13.29 11.34
N LEU B 88 6.77 13.56 11.37
CA LEU B 88 7.64 12.90 12.33
C LEU B 88 7.25 13.24 13.77
N ASP B 89 6.93 14.51 14.01
CA ASP B 89 6.56 14.94 15.36
C ASP B 89 5.27 14.25 15.83
N ARG B 90 4.32 14.07 14.92
CA ARG B 90 3.07 13.39 15.29
C ARG B 90 3.28 11.90 15.47
N LYS B 91 4.11 11.28 14.62
CA LYS B 91 4.29 9.83 14.69
C LYS B 91 5.11 9.42 15.90
N TYR B 92 6.22 10.10 16.14
CA TYR B 92 7.18 9.67 17.16
C TYR B 92 7.19 10.61 18.35
N LEU B 93 6.01 11.12 18.72
CA LEU B 93 5.90 12.03 19.85
C LEU B 93 6.48 11.38 21.10
N ASP B 94 7.23 12.16 21.87
CA ASP B 94 7.90 11.63 23.06
C ASP B 94 6.91 11.44 24.20
N GLY B 95 7.12 10.38 24.97
CA GLY B 95 6.25 10.07 26.09
C GLY B 95 4.84 9.71 25.69
N LEU B 96 4.69 8.87 24.68
CA LEU B 96 3.38 8.46 24.16
C LEU B 96 3.26 6.95 24.22
N ASP B 97 2.06 6.47 24.57
CA ASP B 97 1.78 5.04 24.63
C ASP B 97 1.26 4.58 23.27
N VAL B 98 2.07 3.83 22.55
CA VAL B 98 1.73 3.35 21.22
C VAL B 98 2.18 1.90 21.09
N CYS B 99 1.39 1.10 20.38
CA CYS B 99 1.78 -0.26 20.02
C CYS B 99 2.38 -0.22 18.62
N ARG B 100 3.62 -0.66 18.50
CA ARG B 100 4.36 -0.59 17.25
C ARG B 100 4.64 -1.99 16.73
N PHE B 101 4.93 -2.08 15.43
CA PHE B 101 5.04 -3.36 14.73
C PHE B 101 6.36 -3.43 13.96
N PRO B 102 7.47 -3.59 14.66
CA PRO B 102 8.75 -3.80 13.98
C PRO B 102 8.95 -5.25 13.58
N LEU B 103 9.81 -5.45 12.58
CA LEU B 103 10.12 -6.80 12.14
C LEU B 103 10.77 -7.60 13.26
N LEU B 104 11.71 -7.00 13.98
CA LEU B 104 12.31 -7.59 15.16
C LEU B 104 11.81 -6.85 16.38
N ASP B 105 11.39 -7.60 17.40
CA ASP B 105 10.83 -6.97 18.59
C ASP B 105 11.88 -6.17 19.37
N ALA B 106 13.16 -6.45 19.15
CA ALA B 106 14.23 -5.74 19.85
C ALA B 106 14.63 -4.43 19.18
N LEU B 107 14.06 -4.11 18.03
CA LEU B 107 14.35 -2.86 17.35
C LEU B 107 13.47 -1.75 17.88
N ARG B 108 14.09 -0.64 18.28
CA ARG B 108 13.36 0.47 18.88
C ARG B 108 13.70 1.76 18.18
N PRO B 109 12.77 2.71 18.13
CA PRO B 109 13.08 4.02 17.56
C PRO B 109 13.86 4.90 18.51
N LEU B 110 14.48 5.91 17.96
CA LEU B 110 15.25 6.91 18.69
C LEU B 110 14.34 8.05 19.12
N PRO B 111 14.78 8.87 20.07
CA PRO B 111 14.02 10.10 20.39
C PRO B 111 13.77 10.95 19.15
N LEU B 112 12.87 11.93 19.27
CA LEU B 112 12.40 12.65 18.09
C LEU B 112 13.53 13.43 17.40
N ASP B 113 14.40 14.06 18.18
CA ASP B 113 15.49 14.84 17.60
C ASP B 113 16.41 13.95 16.77
N TRP B 114 16.72 12.75 17.29
CA TRP B 114 17.57 11.83 16.55
C TRP B 114 16.86 11.27 15.33
N MET B 115 15.53 11.16 15.38
CA MET B 115 14.78 10.81 14.17
C MET B 115 14.96 11.88 13.10
N TYR B 116 14.87 13.15 13.49
CA TYR B 116 15.08 14.23 12.52
C TYR B 116 16.50 14.19 11.98
N LEU B 117 17.48 13.86 12.82
CA LEU B 117 18.85 13.72 12.33
C LEU B 117 18.97 12.59 11.31
N VAL B 118 18.32 11.46 11.58
CA VAL B 118 18.35 10.34 10.64
C VAL B 118 17.77 10.74 9.30
N TYR B 119 16.63 11.45 9.32
CA TYR B 119 16.01 11.86 8.07
C TYR B 119 16.86 12.89 7.33
N THR B 120 17.56 13.76 8.08
CA THR B 120 18.47 14.71 7.44
C THR B 120 19.61 13.99 6.73
N ILE B 121 20.18 12.97 7.36
CA ILE B 121 21.25 12.21 6.73
C ILE B 121 20.73 11.51 5.48
N MET B 122 19.52 10.95 5.55
CA MET B 122 18.94 10.31 4.36
C MET B 122 18.77 11.30 3.22
N PHE B 123 18.28 12.51 3.53
CA PHE B 123 18.09 13.52 2.51
C PHE B 123 19.42 13.94 1.88
N LEU B 124 20.45 14.13 2.70
CA LEU B 124 21.76 14.46 2.17
C LEU B 124 22.29 13.36 1.25
N GLY B 125 22.10 12.10 1.64
CA GLY B 125 22.54 11.01 0.79
C GLY B 125 21.81 10.98 -0.55
N ALA B 126 20.50 11.21 -0.53
CA ALA B 126 19.75 11.24 -1.78
C ALA B 126 20.21 12.39 -2.68
N LEU B 127 20.48 13.55 -2.10
CA LEU B 127 20.98 14.67 -2.89
C LEU B 127 22.34 14.34 -3.50
N GLY B 128 23.22 13.73 -2.72
CA GLY B 128 24.53 13.37 -3.25
C GLY B 128 24.44 12.34 -4.36
N MET B 129 23.52 11.38 -4.22
CA MET B 129 23.31 10.40 -5.29
C MET B 129 22.80 11.09 -6.56
N MET B 130 21.87 12.03 -6.42
CA MET B 130 21.34 12.72 -7.59
C MET B 130 22.41 13.56 -8.28
N LEU B 131 23.26 14.24 -7.50
CA LEU B 131 24.25 15.14 -8.07
C LEU B 131 25.45 14.40 -8.66
N GLY B 132 25.85 13.29 -8.06
CA GLY B 132 27.09 12.64 -8.44
C GLY B 132 28.28 13.00 -7.57
N LEU B 133 28.06 13.60 -6.40
CA LEU B 133 29.11 14.08 -5.53
C LEU B 133 29.35 13.08 -4.41
N CYS B 134 30.59 12.63 -4.26
CA CYS B 134 30.95 11.58 -3.31
C CYS B 134 29.98 10.42 -3.42
N TYR B 135 29.98 9.78 -4.59
CA TYR B 135 28.89 8.90 -4.98
C TYR B 135 28.70 7.75 -4.00
N ARG B 136 29.80 7.08 -3.61
CA ARG B 136 29.66 5.90 -2.77
C ARG B 136 29.26 6.25 -1.34
N ILE B 137 29.85 7.31 -0.79
CA ILE B 137 29.48 7.73 0.55
C ILE B 137 28.02 8.17 0.58
N SER B 138 27.58 8.89 -0.45
CA SER B 138 26.18 9.30 -0.53
C SER B 138 25.26 8.11 -0.66
N CYS B 139 25.67 7.10 -1.44
CA CYS B 139 24.87 5.89 -1.55
C CYS B 139 24.70 5.22 -0.20
N VAL B 140 25.78 5.12 0.58
CA VAL B 140 25.69 4.50 1.90
C VAL B 140 24.82 5.35 2.83
N LEU B 141 24.98 6.67 2.77
CA LEU B 141 24.23 7.56 3.66
C LEU B 141 22.73 7.52 3.37
N PHE B 142 22.35 7.31 2.10
CA PHE B 142 20.94 7.06 1.83
C PHE B 142 20.52 5.66 2.24
N LEU B 143 21.37 4.67 1.99
CA LEU B 143 20.96 3.27 2.14
C LEU B 143 20.70 2.92 3.59
N LEU B 144 21.63 3.24 4.49
CA LEU B 144 21.49 2.78 5.88
C LEU B 144 20.26 3.36 6.57
N PRO B 145 20.06 4.67 6.60
CA PRO B 145 18.82 5.21 7.21
C PRO B 145 17.55 4.68 6.56
N TYR B 146 17.55 4.52 5.23
CA TYR B 146 16.36 4.08 4.54
C TYR B 146 15.92 2.70 5.03
N TRP B 147 16.86 1.75 5.08
CA TRP B 147 16.49 0.41 5.53
C TRP B 147 16.20 0.38 7.02
N TYR B 148 16.88 1.20 7.82
CA TYR B 148 16.53 1.27 9.23
C TYR B 148 15.07 1.71 9.41
N VAL B 149 14.65 2.74 8.68
CA VAL B 149 13.28 3.22 8.79
C VAL B 149 12.30 2.20 8.22
N PHE B 150 12.67 1.52 7.14
CA PHE B 150 11.83 0.50 6.54
C PHE B 150 11.56 -0.65 7.51
N LEU B 151 12.60 -1.11 8.21
CA LEU B 151 12.45 -2.26 9.10
C LEU B 151 11.82 -1.91 10.44
N LEU B 152 11.60 -0.63 10.73
CA LEU B 152 11.00 -0.22 11.99
C LEU B 152 9.50 -0.41 12.03
N ASP B 153 8.85 -0.52 10.87
CA ASP B 153 7.39 -0.51 10.78
C ASP B 153 6.95 -1.47 9.69
N LYS B 154 6.36 -2.60 10.08
CA LYS B 154 5.85 -3.56 9.12
C LYS B 154 4.58 -3.07 8.43
N THR B 155 3.84 -2.15 9.04
CA THR B 155 2.58 -1.69 8.49
C THR B 155 2.75 -0.68 7.37
N SER B 156 3.96 -0.23 7.09
CA SER B 156 4.22 0.72 6.02
C SER B 156 4.82 0.07 4.79
N TRP B 157 5.04 -1.24 4.79
CA TRP B 157 5.67 -1.91 3.68
C TRP B 157 4.72 -1.95 2.48
N ASN B 158 5.25 -1.63 1.31
CA ASN B 158 4.56 -1.88 0.05
C ASN B 158 5.63 -2.21 -0.99
N ASN B 159 5.19 -2.38 -2.24
CA ASN B 159 6.11 -2.88 -3.26
C ASN B 159 7.10 -1.82 -3.71
N HIS B 160 6.65 -0.56 -3.84
CA HIS B 160 7.56 0.44 -4.40
C HIS B 160 8.59 0.91 -3.38
N SER B 161 8.28 0.89 -2.09
CA SER B 161 9.31 1.18 -1.08
C SER B 161 10.40 0.12 -1.09
N TYR B 162 10.00 -1.15 -1.16
CA TYR B 162 10.95 -2.24 -1.30
C TYR B 162 11.78 -2.09 -2.57
N LEU B 163 11.15 -1.64 -3.65
CA LEU B 163 11.89 -1.40 -4.90
C LEU B 163 12.90 -0.27 -4.75
N TYR B 164 12.53 0.79 -4.04
CA TYR B 164 13.49 1.87 -3.81
C TYR B 164 14.70 1.37 -3.04
N GLY B 165 14.47 0.57 -2.00
CA GLY B 165 15.58 -0.01 -1.26
C GLY B 165 16.46 -0.88 -2.14
N LEU B 166 15.84 -1.70 -2.98
CA LEU B 166 16.61 -2.56 -3.89
C LEU B 166 17.46 -1.74 -4.85
N LEU B 167 16.87 -0.68 -5.40
CA LEU B 167 17.59 0.16 -6.36
C LEU B 167 18.77 0.86 -5.71
N ALA B 168 18.59 1.39 -4.51
CA ALA B 168 19.71 2.01 -3.81
C ALA B 168 20.81 0.98 -3.54
N PHE B 169 20.43 -0.22 -3.10
CA PHE B 169 21.43 -1.26 -2.84
C PHE B 169 22.22 -1.60 -4.10
N GLN B 170 21.53 -1.75 -5.23
CA GLN B 170 22.23 -2.04 -6.48
C GLN B 170 23.18 -0.91 -6.86
N LEU B 171 22.66 0.32 -6.89
CA LEU B 171 23.46 1.45 -7.36
C LEU B 171 24.67 1.69 -6.46
N THR B 172 24.63 1.23 -5.21
CA THR B 172 25.79 1.42 -4.34
C THR B 172 27.07 0.84 -4.93
N PHE B 173 26.96 -0.23 -5.73
CA PHE B 173 28.13 -0.93 -6.26
C PHE B 173 28.43 -0.60 -7.72
N MET B 174 27.72 0.35 -8.31
CA MET B 174 27.84 0.65 -9.73
C MET B 174 28.68 1.89 -9.98
N ASP B 175 29.12 2.04 -11.23
CA ASP B 175 29.90 3.20 -11.66
C ASP B 175 28.98 4.24 -12.31
N ALA B 176 27.98 4.67 -11.55
CA ALA B 176 26.97 5.58 -12.09
C ALA B 176 27.45 7.03 -12.17
N ASN B 177 28.60 7.35 -11.60
CA ASN B 177 29.13 8.71 -11.61
C ASN B 177 30.26 8.88 -12.63
N HIS B 178 30.15 8.22 -13.78
CA HIS B 178 31.21 8.25 -14.78
C HIS B 178 30.89 9.16 -15.98
N TYR B 179 29.68 9.70 -16.09
CA TYR B 179 29.35 10.52 -17.24
C TYR B 179 29.02 11.97 -16.89
N TRP B 180 28.00 12.21 -16.05
CA TRP B 180 27.42 13.53 -15.87
C TRP B 180 27.33 13.81 -14.38
N SER B 181 28.43 14.26 -13.79
CA SER B 181 28.50 14.32 -12.34
C SER B 181 29.59 15.29 -11.91
N VAL B 182 29.48 15.75 -10.66
CA VAL B 182 30.50 16.63 -10.08
C VAL B 182 31.80 15.87 -9.83
N ASP B 183 31.70 14.57 -9.55
CA ASP B 183 32.90 13.77 -9.35
C ASP B 183 33.82 13.83 -10.57
N GLY B 184 33.22 13.90 -11.75
CA GLY B 184 34.03 14.02 -12.96
C GLY B 184 34.83 15.30 -13.00
N LEU B 185 34.20 16.41 -12.60
CA LEU B 185 34.94 17.68 -12.52
C LEU B 185 36.01 17.62 -11.45
N LEU B 186 35.75 16.95 -10.33
CA LEU B 186 36.73 16.87 -9.26
C LEU B 186 37.88 15.91 -9.57
N ASN B 187 37.60 14.82 -10.28
CA ASN B 187 38.61 13.83 -10.61
C ASN B 187 38.64 13.62 -12.12
N ALA B 188 39.84 13.63 -12.69
CA ALA B 188 39.96 13.52 -14.14
C ALA B 188 39.76 12.08 -14.63
N HIS B 189 40.05 11.09 -13.78
CA HIS B 189 39.96 9.70 -14.21
C HIS B 189 38.53 9.20 -14.32
N ARG B 190 37.56 9.92 -13.74
CA ARG B 190 36.17 9.49 -13.72
C ARG B 190 35.30 10.32 -14.65
N ARG B 191 35.89 11.01 -15.62
CA ARG B 191 35.15 11.89 -16.53
C ARG B 191 35.00 11.20 -17.87
N ASN B 192 33.76 10.85 -18.21
CA ASN B 192 33.45 10.21 -19.51
C ASN B 192 34.25 8.92 -19.68
N ALA B 193 34.03 7.98 -18.77
CA ALA B 193 34.76 6.72 -18.77
C ALA B 193 33.80 5.55 -18.94
N HIS B 194 34.36 4.42 -19.38
CA HIS B 194 33.56 3.22 -19.62
C HIS B 194 33.08 2.60 -18.31
N VAL B 195 32.02 1.81 -18.41
CA VAL B 195 31.47 1.08 -17.26
C VAL B 195 31.33 -0.39 -17.62
N PRO B 196 31.36 -1.30 -16.65
CA PRO B 196 31.12 -2.71 -16.95
C PRO B 196 29.68 -2.97 -17.38
N LEU B 197 29.51 -4.01 -18.20
CA LEU B 197 28.19 -4.30 -18.77
C LEU B 197 27.23 -4.84 -17.72
N TRP B 198 27.74 -5.47 -16.66
CA TRP B 198 26.84 -5.99 -15.64
C TRP B 198 26.12 -4.88 -14.90
N ASN B 199 26.63 -3.65 -14.95
CA ASN B 199 25.90 -2.52 -14.41
C ASN B 199 24.54 -2.38 -15.07
N TYR B 200 24.50 -2.47 -16.40
CA TYR B 200 23.22 -2.43 -17.12
C TYR B 200 22.46 -3.74 -16.97
N ALA B 201 23.18 -4.86 -16.94
CA ALA B 201 22.51 -6.15 -16.87
C ALA B 201 21.68 -6.29 -15.61
N VAL B 202 22.23 -5.87 -14.46
CA VAL B 202 21.52 -6.04 -13.20
C VAL B 202 20.25 -5.18 -13.16
N LEU B 203 20.34 -3.93 -13.61
CA LEU B 203 19.16 -3.06 -13.62
C LEU B 203 18.08 -3.59 -14.56
N ARG B 204 18.48 -4.01 -15.76
CA ARG B 204 17.52 -4.55 -16.70
C ARG B 204 16.85 -5.80 -16.14
N GLY B 205 17.64 -6.67 -15.50
CA GLY B 205 17.07 -7.86 -14.89
C GLY B 205 16.09 -7.54 -13.78
N GLN B 206 16.41 -6.54 -12.96
CA GLN B 206 15.50 -6.14 -11.88
C GLN B 206 14.18 -5.64 -12.43
N ILE B 207 14.22 -4.80 -13.46
CA ILE B 207 12.98 -4.29 -14.04
C ILE B 207 12.17 -5.42 -14.65
N PHE B 208 12.83 -6.33 -15.37
CA PHE B 208 12.13 -7.47 -15.95
C PHE B 208 11.50 -8.33 -14.88
N ILE B 209 12.20 -8.56 -13.77
CA ILE B 209 11.66 -9.37 -12.69
C ILE B 209 10.41 -8.73 -12.12
N VAL B 210 10.45 -7.42 -11.88
CA VAL B 210 9.25 -6.72 -11.42
C VAL B 210 8.08 -7.03 -12.34
N TYR B 211 8.25 -6.73 -13.64
CA TYR B 211 7.14 -6.90 -14.59
C TYR B 211 6.64 -8.33 -14.62
N PHE B 212 7.55 -9.30 -14.74
CA PHE B 212 7.16 -10.69 -14.97
C PHE B 212 6.51 -11.31 -13.75
N ILE B 213 7.05 -11.03 -12.55
CA ILE B 213 6.44 -11.59 -11.35
C ILE B 213 5.07 -10.97 -11.11
N ALA B 214 4.91 -9.68 -11.42
CA ALA B 214 3.57 -9.11 -11.35
C ALA B 214 2.63 -9.80 -12.32
N GLY B 215 3.10 -10.06 -13.54
CA GLY B 215 2.25 -10.74 -14.52
C GLY B 215 1.83 -12.13 -14.08
N VAL B 216 2.75 -12.88 -13.47
CA VAL B 216 2.43 -14.22 -13.01
C VAL B 216 1.47 -14.17 -11.83
N ALA B 217 1.67 -13.22 -10.92
CA ALA B 217 0.72 -13.06 -9.81
C ALA B 217 -0.66 -12.70 -10.31
N ALA B 218 -0.75 -12.01 -11.45
CA ALA B 218 -2.04 -11.68 -12.03
C ALA B 218 -2.74 -12.88 -12.68
N LEU B 219 -2.27 -14.11 -12.49
CA LEU B 219 -2.93 -15.28 -13.04
C LEU B 219 -3.95 -15.88 -12.07
N ASP B 220 -4.18 -15.24 -10.93
CA ASP B 220 -5.15 -15.73 -9.96
C ASP B 220 -6.55 -15.74 -10.56
N ALA B 221 -7.39 -16.64 -10.05
CA ALA B 221 -8.74 -16.78 -10.59
C ALA B 221 -9.55 -15.50 -10.41
N ASP B 222 -9.37 -14.81 -9.29
CA ASP B 222 -10.11 -13.58 -9.06
C ASP B 222 -9.76 -12.52 -10.08
N TRP B 223 -8.49 -12.44 -10.47
CA TRP B 223 -8.08 -11.45 -11.45
C TRP B 223 -8.62 -11.80 -12.83
N VAL B 224 -8.46 -13.05 -13.27
CA VAL B 224 -8.89 -13.43 -14.60
C VAL B 224 -10.39 -13.32 -14.74
N GLU B 225 -11.14 -13.62 -13.67
CA GLU B 225 -12.59 -13.50 -13.70
C GLU B 225 -13.07 -12.07 -13.48
N GLY B 226 -12.18 -11.12 -13.20
CA GLY B 226 -12.56 -9.74 -13.11
C GLY B 226 -13.10 -9.28 -11.77
N TYR B 227 -12.70 -9.91 -10.68
CA TYR B 227 -13.22 -9.55 -9.37
C TYR B 227 -12.43 -8.46 -8.68
N SER B 228 -11.12 -8.43 -8.86
CA SER B 228 -10.30 -7.34 -8.32
C SER B 228 -10.38 -6.14 -9.24
N MET B 229 -10.65 -4.97 -8.67
CA MET B 229 -10.85 -3.73 -9.42
C MET B 229 -11.97 -3.87 -10.44
N GLU B 230 -13.14 -4.30 -9.98
CA GLU B 230 -14.30 -4.40 -10.85
C GLU B 230 -14.92 -3.05 -11.15
N TYR B 231 -14.69 -2.04 -10.32
CA TYR B 231 -15.27 -0.71 -10.51
C TYR B 231 -14.26 0.33 -10.96
N LEU B 232 -13.05 -0.10 -11.35
CA LEU B 232 -12.04 0.85 -11.79
C LEU B 232 -12.28 1.38 -13.19
N SER B 233 -13.21 0.80 -13.94
CA SER B 233 -13.49 1.22 -15.30
C SER B 233 -14.49 2.37 -15.38
N ARG B 234 -15.00 2.85 -14.24
CA ARG B 234 -15.90 3.99 -14.23
C ARG B 234 -15.18 5.33 -14.27
N HIS B 235 -13.86 5.33 -14.17
CA HIS B 235 -13.10 6.58 -14.21
C HIS B 235 -13.27 7.25 -15.57
N TRP B 236 -13.26 8.58 -15.57
CA TRP B 236 -13.46 9.32 -16.81
C TRP B 236 -12.31 9.12 -17.80
N LEU B 237 -11.17 8.62 -17.34
CA LEU B 237 -10.07 8.37 -18.27
C LEU B 237 -10.40 7.26 -19.25
N PHE B 238 -11.26 6.32 -18.87
CA PHE B 238 -11.67 5.22 -19.75
C PHE B 238 -12.75 5.63 -20.73
N SER B 239 -13.01 6.92 -20.90
CA SER B 239 -14.08 7.39 -21.77
C SER B 239 -13.92 6.95 -23.22
N PRO B 240 -12.74 7.03 -23.83
CA PRO B 240 -12.62 6.60 -25.24
C PRO B 240 -13.03 5.15 -25.46
N PHE B 241 -12.71 4.26 -24.53
CA PHE B 241 -13.05 2.85 -24.72
C PHE B 241 -14.55 2.61 -24.67
N LYS B 242 -15.27 3.39 -23.89
CA LYS B 242 -16.71 3.19 -23.73
C LYS B 242 -17.50 3.57 -24.98
N LEU B 243 -16.87 4.20 -25.97
CA LEU B 243 -17.53 4.47 -27.23
C LEU B 243 -17.79 3.22 -28.05
N LEU B 244 -17.17 2.09 -27.70
CA LEU B 244 -17.34 0.85 -28.44
C LEU B 244 -17.56 -0.37 -27.55
N LEU B 245 -17.49 -0.24 -26.24
CA LEU B 245 -17.63 -1.36 -25.33
C LEU B 245 -18.56 -0.99 -24.18
N SER B 246 -19.24 -2.00 -23.63
CA SER B 246 -20.04 -1.79 -22.44
C SER B 246 -19.15 -1.71 -21.21
N GLU B 247 -19.73 -1.22 -20.11
CA GLU B 247 -18.95 -1.06 -18.88
C GLU B 247 -18.40 -2.39 -18.39
N GLU B 248 -19.26 -3.42 -18.37
CA GLU B 248 -18.79 -4.73 -17.93
C GLU B 248 -17.72 -5.28 -18.86
N LEU B 249 -17.93 -5.15 -20.17
CA LEU B 249 -16.93 -5.64 -21.12
C LEU B 249 -15.64 -4.85 -21.03
N THR B 250 -15.74 -3.53 -20.85
CA THR B 250 -14.54 -2.72 -20.67
C THR B 250 -13.75 -3.18 -19.45
N SER B 251 -14.43 -3.34 -18.32
CA SER B 251 -13.74 -3.76 -17.10
C SER B 251 -13.10 -5.13 -17.27
N LEU B 252 -13.83 -6.07 -17.89
CA LEU B 252 -13.30 -7.42 -18.03
C LEU B 252 -12.11 -7.46 -18.97
N LEU B 253 -12.23 -6.87 -20.16
CA LEU B 253 -11.15 -6.95 -21.13
C LEU B 253 -10.04 -5.96 -20.81
N VAL B 254 -10.31 -4.67 -20.92
CA VAL B 254 -9.24 -3.68 -20.91
C VAL B 254 -8.46 -3.81 -19.61
N VAL B 255 -9.10 -3.48 -18.49
CA VAL B 255 -8.37 -3.39 -17.23
C VAL B 255 -7.62 -4.69 -16.98
N HIS B 256 -8.36 -5.78 -16.77
CA HIS B 256 -7.75 -7.01 -16.27
C HIS B 256 -6.85 -7.67 -17.31
N TRP B 257 -7.41 -7.98 -18.49
CA TRP B 257 -6.63 -8.72 -19.46
C TRP B 257 -5.48 -7.89 -20.02
N GLY B 258 -5.71 -6.60 -20.29
CA GLY B 258 -4.62 -5.76 -20.75
C GLY B 258 -3.53 -5.61 -19.72
N GLY B 259 -3.88 -5.48 -18.44
CA GLY B 259 -2.86 -5.43 -17.41
C GLY B 259 -2.04 -6.70 -17.37
N LEU B 260 -2.72 -7.85 -17.43
CA LEU B 260 -2.00 -9.12 -17.42
C LEU B 260 -1.07 -9.24 -18.63
N LEU B 261 -1.56 -8.86 -19.82
CA LEU B 261 -0.74 -8.95 -21.03
C LEU B 261 0.46 -8.02 -20.97
N LEU B 262 0.26 -6.79 -20.51
CA LEU B 262 1.39 -5.88 -20.38
C LEU B 262 2.41 -6.42 -19.40
N ASP B 263 1.97 -6.92 -18.26
CA ASP B 263 2.92 -7.48 -17.30
C ASP B 263 3.71 -8.62 -17.90
N LEU B 264 3.04 -9.51 -18.62
CA LEU B 264 3.72 -10.70 -19.13
C LEU B 264 4.57 -10.44 -20.37
N SER B 265 4.36 -9.32 -21.08
CA SER B 265 5.09 -9.09 -22.32
C SER B 265 5.96 -7.85 -22.33
N ALA B 266 5.95 -7.02 -21.29
CA ALA B 266 6.69 -5.76 -21.32
C ALA B 266 8.19 -5.99 -21.40
N GLY B 267 8.72 -6.93 -20.62
CA GLY B 267 10.16 -7.16 -20.63
C GLY B 267 10.66 -7.63 -21.99
N PHE B 268 9.93 -8.58 -22.59
CA PHE B 268 10.31 -9.07 -23.92
C PHE B 268 10.16 -7.98 -24.97
N LEU B 269 9.12 -7.16 -24.87
CA LEU B 269 8.95 -6.08 -25.84
C LEU B 269 10.07 -5.07 -25.74
N LEU B 270 10.50 -4.74 -24.52
CA LEU B 270 11.56 -3.75 -24.35
C LEU B 270 12.93 -4.31 -24.70
N PHE B 271 13.17 -5.60 -24.47
CA PHE B 271 14.52 -6.14 -24.70
C PHE B 271 14.88 -6.12 -26.18
N PHE B 272 14.02 -6.66 -27.04
CA PHE B 272 14.32 -6.77 -28.45
C PHE B 272 14.10 -5.44 -29.15
N ASP B 273 15.02 -5.09 -30.05
CA ASP B 273 15.01 -3.75 -30.64
C ASP B 273 14.13 -3.62 -31.86
N VAL B 274 13.57 -4.73 -32.36
CA VAL B 274 12.56 -4.62 -33.42
C VAL B 274 11.20 -4.24 -32.85
N SER B 275 11.00 -4.39 -31.54
CA SER B 275 9.72 -4.12 -30.91
C SER B 275 9.83 -3.13 -29.76
N ARG B 276 10.92 -2.37 -29.69
CA ARG B 276 11.11 -1.45 -28.58
C ARG B 276 10.27 -0.19 -28.71
N SER B 277 9.91 0.22 -29.93
CA SER B 277 9.08 1.42 -30.08
C SER B 277 7.67 1.18 -29.57
N ILE B 278 7.05 0.07 -29.98
CA ILE B 278 5.72 -0.27 -29.50
C ILE B 278 5.75 -0.51 -28.00
N GLY B 279 6.79 -1.19 -27.51
CA GLY B 279 6.91 -1.40 -26.08
C GLY B 279 7.02 -0.10 -25.31
N LEU B 280 7.81 0.84 -25.82
CA LEU B 280 7.94 2.14 -25.15
C LEU B 280 6.60 2.86 -25.10
N PHE B 281 5.89 2.88 -26.23
CA PHE B 281 4.60 3.57 -26.25
C PHE B 281 3.62 2.94 -25.27
N PHE B 282 3.51 1.60 -25.29
CA PHE B 282 2.54 0.93 -24.44
C PHE B 282 2.89 1.10 -22.97
N VAL B 283 4.16 0.95 -22.61
CA VAL B 283 4.57 1.07 -21.22
C VAL B 283 4.36 2.49 -20.72
N SER B 284 4.69 3.48 -21.55
CA SER B 284 4.50 4.87 -21.15
C SER B 284 3.04 5.18 -20.92
N TYR B 285 2.16 4.73 -21.82
CA TYR B 285 0.73 4.95 -21.62
C TYR B 285 0.23 4.26 -20.36
N PHE B 286 0.67 3.02 -20.14
CA PHE B 286 0.28 2.28 -18.95
C PHE B 286 0.65 3.03 -17.68
N HIS B 287 1.91 3.45 -17.56
CA HIS B 287 2.35 4.11 -16.32
C HIS B 287 1.71 5.48 -16.18
N CYS B 288 1.52 6.21 -17.29
CA CYS B 288 0.88 7.51 -17.21
C CYS B 288 -0.55 7.38 -16.69
N MET B 289 -1.29 6.38 -17.17
CA MET B 289 -2.64 6.17 -16.66
C MET B 289 -2.62 5.74 -15.20
N ASN B 290 -1.71 4.85 -14.83
CA ASN B 290 -1.67 4.38 -13.44
C ASN B 290 -1.33 5.51 -12.47
N SER B 291 -0.53 6.48 -12.91
CA SER B 291 -0.17 7.58 -12.01
C SER B 291 -1.38 8.40 -11.60
N GLN B 292 -2.43 8.41 -12.42
CA GLN B 292 -3.64 9.14 -12.10
C GLN B 292 -4.75 8.27 -11.53
N LEU B 293 -4.81 6.99 -11.91
CA LEU B 293 -5.87 6.14 -11.38
C LEU B 293 -5.69 5.88 -9.89
N PHE B 294 -4.45 5.71 -9.43
CA PHE B 294 -4.14 5.39 -8.05
C PHE B 294 -3.22 6.45 -7.46
N SER B 295 -2.99 6.34 -6.15
CA SER B 295 -2.10 7.23 -5.41
C SER B 295 -0.98 6.37 -4.83
N ILE B 296 0.12 6.26 -5.58
CA ILE B 296 1.21 5.36 -5.23
C ILE B 296 2.53 6.13 -5.20
N GLY B 297 2.46 7.41 -4.87
CA GLY B 297 3.65 8.23 -4.75
C GLY B 297 4.41 8.45 -6.05
N MET B 298 5.65 7.96 -6.11
CA MET B 298 6.51 8.13 -7.27
C MET B 298 6.70 6.86 -8.08
N PHE B 299 5.90 5.82 -7.81
CA PHE B 299 6.13 4.53 -8.44
C PHE B 299 6.09 4.63 -9.97
N SER B 300 5.03 5.25 -10.50
CA SER B 300 4.88 5.33 -11.95
C SER B 300 6.00 6.15 -12.58
N TYR B 301 6.42 7.23 -11.92
CA TYR B 301 7.51 8.04 -12.44
C TYR B 301 8.83 7.28 -12.43
N VAL B 302 9.07 6.47 -11.40
CA VAL B 302 10.29 5.67 -11.36
C VAL B 302 10.28 4.64 -12.48
N MET B 303 9.13 4.00 -12.73
CA MET B 303 9.07 3.04 -13.83
C MET B 303 9.25 3.72 -15.18
N LEU B 304 8.65 4.90 -15.35
CA LEU B 304 8.85 5.67 -16.58
C LEU B 304 10.32 5.99 -16.79
N ALA B 305 11.01 6.42 -15.74
CA ALA B 305 12.43 6.71 -15.84
C ALA B 305 13.27 5.47 -16.11
N SER B 306 12.86 4.31 -15.61
CA SER B 306 13.59 3.07 -15.83
C SER B 306 13.39 2.50 -17.23
N SER B 307 12.29 2.85 -17.90
CA SER B 307 12.06 2.30 -19.24
C SER B 307 13.23 2.52 -20.19
N PRO B 308 13.82 3.71 -20.30
CA PRO B 308 14.91 3.91 -21.26
C PRO B 308 16.19 3.14 -20.95
N LEU B 309 16.23 2.38 -19.85
CA LEU B 309 17.43 1.60 -19.54
C LEU B 309 17.66 0.48 -20.54
N PHE B 310 16.64 0.08 -21.28
CA PHE B 310 16.76 -0.96 -22.30
C PHE B 310 17.23 -0.43 -23.64
N CYS B 311 17.22 0.89 -23.84
CA CYS B 311 17.66 1.48 -25.10
C CYS B 311 19.18 1.41 -25.20
N SER B 312 19.71 1.97 -26.27
CA SER B 312 21.15 1.99 -26.46
C SER B 312 21.81 2.76 -25.33
N PRO B 313 22.94 2.28 -24.80
CA PRO B 313 23.58 2.99 -23.68
C PRO B 313 24.04 4.39 -24.02
N GLU B 314 24.14 4.76 -25.30
CA GLU B 314 24.64 6.06 -25.71
C GLU B 314 23.54 6.98 -26.22
N TRP B 315 22.29 6.71 -25.90
CA TRP B 315 21.20 7.54 -26.41
C TRP B 315 21.27 8.98 -25.92
N PRO B 316 21.55 9.29 -24.65
CA PRO B 316 21.64 10.70 -24.25
C PRO B 316 22.73 11.45 -24.99
N ARG B 317 23.86 10.79 -25.26
CA ARG B 317 24.95 11.41 -25.99
C ARG B 317 24.56 11.69 -27.43
N LYS B 318 23.84 10.76 -28.06
CA LYS B 318 23.31 11.03 -29.40
C LYS B 318 22.36 12.21 -29.40
N LEU B 319 21.49 12.29 -28.38
CA LEU B 319 20.58 13.43 -28.29
C LEU B 319 21.35 14.74 -28.15
N VAL B 320 22.36 14.77 -27.28
CA VAL B 320 23.15 15.98 -27.11
C VAL B 320 23.88 16.32 -28.41
N SER B 321 24.17 15.31 -29.23
CA SER B 321 24.85 15.58 -30.50
C SER B 321 24.05 16.52 -31.38
N TYR B 322 22.71 16.46 -31.32
CA TYR B 322 21.86 17.30 -32.16
C TYR B 322 21.48 18.62 -31.50
N CYS B 323 22.33 19.16 -30.63
CA CYS B 323 22.02 20.40 -29.95
C CYS B 323 22.86 21.54 -30.50
N PRO B 324 22.39 22.79 -30.37
CA PRO B 324 23.14 23.93 -30.90
C PRO B 324 24.49 24.08 -30.21
N ARG B 325 25.45 24.64 -30.93
CA ARG B 325 26.80 24.78 -30.40
C ARG B 325 26.81 25.60 -29.12
N ARG B 326 26.06 26.71 -29.09
CA ARG B 326 25.97 27.50 -27.87
C ARG B 326 25.32 26.70 -26.75
N LEU B 327 24.28 25.93 -27.06
CA LEU B 327 23.64 25.11 -26.05
C LEU B 327 24.57 24.01 -25.55
N GLN B 328 25.38 23.45 -26.45
CA GLN B 328 26.25 22.34 -26.05
C GLN B 328 27.20 22.72 -24.94
N GLN B 329 27.53 24.02 -24.80
CA GLN B 329 28.41 24.46 -23.75
C GLN B 329 27.80 24.32 -22.36
N LEU B 330 26.49 24.06 -22.28
CA LEU B 330 25.81 23.88 -21.00
C LEU B 330 25.44 22.42 -20.74
N LEU B 331 25.95 21.51 -21.55
CA LEU B 331 25.55 20.11 -21.55
C LEU B 331 26.76 19.21 -21.36
N PRO B 332 26.54 17.96 -20.95
CA PRO B 332 27.67 17.06 -20.69
C PRO B 332 28.45 16.74 -21.96
N LEU B 333 29.70 16.33 -21.76
CA LEU B 333 30.60 16.06 -22.87
C LEU B 333 29.95 15.17 -23.91
N LYS B 334 30.32 15.37 -25.18
CA LYS B 334 29.77 14.62 -26.30
C LYS B 334 30.82 13.80 -27.04
N ALA B 335 32.07 13.82 -26.59
CA ALA B 335 33.12 13.01 -27.21
C ALA B 335 32.99 11.56 -26.77
N ALA B 336 33.89 10.72 -27.29
CA ALA B 336 33.84 9.30 -26.95
C ALA B 336 34.42 9.07 -25.55
N PRO B 337 33.92 8.08 -24.82
CA PRO B 337 34.44 7.82 -23.48
C PRO B 337 35.87 7.31 -23.52
N GLN B 338 36.59 7.57 -22.44
CA GLN B 338 37.97 7.11 -22.29
C GLN B 338 38.01 5.75 -21.61
N PRO B 339 39.13 5.03 -21.75
CA PRO B 339 39.24 3.72 -21.10
C PRO B 339 39.19 3.85 -19.58
N SER B 340 38.73 2.77 -18.94
CA SER B 340 38.61 2.72 -17.49
C SER B 340 39.20 1.42 -16.97
N VAL B 341 39.63 1.44 -15.71
CA VAL B 341 40.17 0.25 -15.07
C VAL B 341 39.05 -0.72 -14.68
N SER B 342 37.80 -0.26 -14.62
CA SER B 342 36.70 -1.12 -14.24
C SER B 342 36.49 -2.24 -15.25
N CYS B 343 36.64 -1.94 -16.53
CA CYS B 343 36.31 -2.87 -17.60
C CYS B 343 37.51 -3.72 -17.99
N VAL B 344 37.24 -4.78 -18.74
CA VAL B 344 38.25 -5.71 -19.24
C VAL B 344 38.33 -5.55 -20.75
N TYR B 345 39.54 -5.36 -21.27
CA TYR B 345 39.75 -5.08 -22.69
C TYR B 345 40.45 -6.24 -23.37
N LYS B 346 40.17 -6.38 -24.67
CA LYS B 346 40.77 -7.42 -25.49
C LYS B 346 42.29 -7.26 -25.54
N GLN B 354 43.96 -9.21 -21.47
CA GLN B 354 44.40 -9.18 -20.08
C GLN B 354 43.69 -10.25 -19.26
N LYS B 355 44.25 -10.56 -18.08
CA LYS B 355 43.64 -11.52 -17.17
C LYS B 355 42.76 -10.78 -16.17
N PRO B 356 41.49 -11.12 -16.04
CA PRO B 356 40.62 -10.38 -15.12
C PRO B 356 41.12 -10.42 -13.69
N GLY B 357 40.91 -9.31 -12.97
CA GLY B 357 41.31 -9.20 -11.59
C GLY B 357 40.17 -9.50 -10.64
N LEU B 358 40.41 -9.19 -9.36
CA LEU B 358 39.43 -9.50 -8.33
C LEU B 358 38.13 -8.71 -8.51
N ARG B 359 38.24 -7.44 -8.90
CA ARG B 359 37.05 -6.61 -9.05
C ARG B 359 36.07 -7.22 -10.04
N HIS B 360 36.57 -7.68 -11.17
CA HIS B 360 35.71 -8.23 -12.21
C HIS B 360 35.03 -9.52 -11.77
N GLN B 361 35.79 -10.40 -11.11
CA GLN B 361 35.20 -11.65 -10.61
C GLN B 361 34.14 -11.38 -9.56
N LEU B 362 34.41 -10.44 -8.66
CA LEU B 362 33.40 -10.08 -7.65
C LEU B 362 32.15 -9.50 -8.31
N GLY B 363 32.33 -8.67 -9.35
CA GLY B 363 31.18 -8.12 -10.04
C GLY B 363 30.33 -9.19 -10.72
N ALA B 364 30.99 -10.15 -11.38
CA ALA B 364 30.24 -11.24 -12.01
C ALA B 364 29.51 -12.09 -10.97
N ALA B 365 30.17 -12.41 -9.86
CA ALA B 365 29.52 -13.18 -8.82
C ALA B 365 28.31 -12.43 -8.25
N PHE B 366 28.45 -11.12 -8.04
CA PHE B 366 27.32 -10.33 -7.58
C PHE B 366 26.16 -10.39 -8.57
N THR B 367 26.44 -10.13 -9.85
CA THR B 367 25.36 -10.11 -10.82
C THR B 367 24.64 -11.45 -10.91
N LEU B 368 25.36 -12.55 -10.66
CA LEU B 368 24.68 -13.85 -10.69
C LEU B 368 23.86 -14.09 -9.42
N LEU B 369 24.49 -13.98 -8.25
CA LEU B 369 23.82 -14.29 -6.99
C LEU B 369 22.64 -13.37 -6.71
N TYR B 370 22.78 -12.07 -6.95
CA TYR B 370 21.70 -11.15 -6.64
C TYR B 370 20.47 -11.45 -7.48
N LEU B 371 20.64 -11.70 -8.79
CA LEU B 371 19.49 -12.00 -9.64
C LEU B 371 18.86 -13.33 -9.26
N LEU B 372 19.67 -14.33 -8.92
CA LEU B 372 19.10 -15.59 -8.47
C LEU B 372 18.26 -15.40 -7.20
N GLU B 373 18.77 -14.64 -6.23
CA GLU B 373 18.02 -14.40 -5.00
C GLU B 373 16.74 -13.63 -5.28
N GLN B 374 16.80 -12.66 -6.20
CA GLN B 374 15.60 -11.90 -6.55
C GLN B 374 14.54 -12.79 -7.19
N LEU B 375 14.98 -13.75 -8.00
CA LEU B 375 14.03 -14.72 -8.55
C LEU B 375 13.43 -15.59 -7.46
N PHE B 376 14.24 -16.02 -6.49
CA PHE B 376 13.76 -16.97 -5.50
C PHE B 376 12.82 -16.33 -4.47
N LEU B 377 13.13 -15.13 -4.00
CA LEU B 377 12.49 -14.61 -2.79
C LEU B 377 10.97 -14.54 -2.88
N PRO B 378 10.37 -14.05 -3.96
CA PRO B 378 8.89 -13.94 -3.98
C PRO B 378 8.15 -15.26 -3.87
N TYR B 379 8.85 -16.39 -3.90
CA TYR B 379 8.22 -17.71 -3.82
C TYR B 379 8.77 -18.51 -2.64
N SER B 380 9.20 -17.81 -1.58
CA SER B 380 9.87 -18.44 -0.46
C SER B 380 8.94 -18.64 0.74
N HIS B 381 7.64 -18.52 0.55
CA HIS B 381 6.70 -18.60 1.66
C HIS B 381 6.39 -20.05 2.03
N PHE B 382 7.42 -20.88 2.15
CA PHE B 382 7.26 -22.22 2.68
C PHE B 382 8.29 -22.54 3.75
N LEU B 383 9.29 -21.68 3.94
CA LEU B 383 10.17 -21.76 5.11
C LEU B 383 9.69 -20.84 6.23
N THR B 384 9.12 -19.69 5.88
CA THR B 384 8.56 -18.76 6.85
C THR B 384 7.05 -18.94 6.92
N GLN B 385 6.65 -20.02 7.60
CA GLN B 385 5.25 -20.44 7.64
C GLN B 385 4.40 -19.60 8.58
N GLY B 386 5.01 -18.84 9.48
CA GLY B 386 4.28 -18.06 10.45
C GLY B 386 3.79 -16.71 9.98
N TYR B 387 3.97 -16.40 8.69
CA TYR B 387 3.54 -15.12 8.14
C TYR B 387 2.45 -15.29 7.08
N ASN B 388 1.81 -16.46 7.01
CA ASN B 388 0.74 -16.73 6.06
C ASN B 388 -0.58 -16.84 6.83
N ASN B 389 -1.58 -16.05 6.42
CA ASN B 389 -2.90 -16.12 7.03
C ASN B 389 -3.98 -16.56 6.05
N TRP B 390 -4.22 -15.79 5.01
CA TRP B 390 -5.09 -16.14 3.88
C TRP B 390 -4.36 -15.96 2.56
N THR B 391 -3.50 -14.96 2.46
CA THR B 391 -2.53 -14.82 1.39
C THR B 391 -1.18 -15.30 1.92
N ASN B 392 -0.13 -15.12 1.13
CA ASN B 392 1.18 -15.65 1.46
C ASN B 392 2.09 -14.53 1.94
N GLY B 393 2.65 -14.67 3.13
CA GLY B 393 3.70 -13.80 3.61
C GLY B 393 3.24 -12.41 3.99
N LEU B 394 4.21 -11.62 4.44
CA LEU B 394 3.99 -10.19 4.66
C LEU B 394 3.90 -9.48 3.32
N TYR B 395 3.07 -8.45 3.26
CA TYR B 395 2.89 -7.69 2.02
C TYR B 395 4.09 -6.79 1.77
N GLY B 396 4.60 -6.83 0.54
CA GLY B 396 5.63 -5.88 0.15
C GLY B 396 6.80 -6.38 -0.67
N TYR B 397 6.98 -7.69 -0.80
CA TYR B 397 8.13 -8.21 -1.53
C TYR B 397 7.76 -9.38 -2.43
N SER B 398 6.56 -9.32 -3.04
CA SER B 398 6.12 -10.39 -3.93
C SER B 398 5.53 -9.88 -5.24
N TRP B 399 5.42 -8.57 -5.43
CA TRP B 399 5.00 -7.98 -6.70
C TRP B 399 3.58 -8.36 -7.08
N ASP B 400 2.69 -8.47 -6.10
CA ASP B 400 1.27 -8.74 -6.33
C ASP B 400 0.50 -7.48 -5.98
N MET B 401 0.34 -6.59 -6.96
CA MET B 401 -0.30 -5.30 -6.75
C MET B 401 -1.77 -5.36 -7.14
N MET B 402 -2.64 -4.93 -6.22
CA MET B 402 -4.07 -4.79 -6.49
C MET B 402 -4.72 -6.12 -6.85
N VAL B 403 -4.21 -7.23 -6.30
CA VAL B 403 -4.77 -8.54 -6.60
C VAL B 403 -5.88 -8.90 -5.62
N HIS B 404 -5.71 -8.57 -4.35
CA HIS B 404 -6.67 -8.91 -3.31
C HIS B 404 -7.18 -7.63 -2.65
N SER B 405 -8.49 -7.55 -2.47
CA SER B 405 -9.14 -6.41 -1.85
C SER B 405 -9.98 -6.89 -0.68
N ARG B 406 -9.81 -6.25 0.48
CA ARG B 406 -10.44 -6.69 1.72
C ARG B 406 -11.49 -5.67 2.19
N SER B 407 -12.51 -6.18 2.87
CA SER B 407 -13.57 -5.36 3.43
C SER B 407 -13.90 -5.88 4.82
N HIS B 408 -13.77 -5.03 5.83
CA HIS B 408 -14.00 -5.42 7.21
C HIS B 408 -15.38 -4.94 7.67
N GLN B 409 -16.11 -5.84 8.34
CA GLN B 409 -17.45 -5.54 8.81
C GLN B 409 -17.49 -5.16 10.28
N HIS B 410 -16.76 -5.86 11.15
CA HIS B 410 -16.78 -5.55 12.57
C HIS B 410 -15.53 -6.09 13.23
N VAL B 411 -15.16 -5.48 14.35
CA VAL B 411 -14.07 -5.94 15.19
C VAL B 411 -14.47 -5.77 16.65
N LYS B 412 -14.17 -6.77 17.46
CA LYS B 412 -14.43 -6.72 18.89
C LYS B 412 -13.20 -7.20 19.65
N ILE B 413 -12.91 -6.53 20.77
CA ILE B 413 -11.81 -6.91 21.65
C ILE B 413 -12.38 -7.11 23.05
N THR B 414 -12.13 -8.27 23.63
CA THR B 414 -12.62 -8.62 24.96
C THR B 414 -11.43 -8.90 25.87
N TYR B 415 -11.60 -8.56 27.15
CA TYR B 415 -10.60 -8.88 28.16
C TYR B 415 -11.29 -9.38 29.41
N ARG B 416 -10.57 -10.21 30.17
CA ARG B 416 -11.05 -10.67 31.47
C ARG B 416 -9.94 -10.42 32.49
N ASP B 417 -10.30 -9.81 33.62
CA ASP B 417 -9.32 -9.52 34.65
C ASP B 417 -8.82 -10.82 35.28
N GLY B 418 -7.49 -10.91 35.46
CA GLY B 418 -6.92 -12.13 35.99
C GLY B 418 -7.25 -12.38 37.45
N ARG B 419 -7.51 -11.31 38.20
CA ARG B 419 -7.81 -11.42 39.62
C ARG B 419 -9.31 -11.31 39.90
N THR B 420 -9.93 -10.20 39.48
CA THR B 420 -11.35 -10.00 39.75
C THR B 420 -12.22 -10.94 38.91
N GLY B 421 -11.83 -11.18 37.66
CA GLY B 421 -12.63 -12.00 36.77
C GLY B 421 -13.69 -11.26 35.99
N GLU B 422 -13.78 -9.94 36.12
CA GLU B 422 -14.80 -9.18 35.41
C GLU B 422 -14.45 -9.04 33.93
N LEU B 423 -15.48 -8.93 33.10
CA LEU B 423 -15.32 -8.83 31.66
C LEU B 423 -15.45 -7.38 31.20
N GLY B 424 -14.70 -7.05 30.15
CA GLY B 424 -14.73 -5.70 29.61
C GLY B 424 -14.45 -5.71 28.13
N TYR B 425 -14.64 -4.55 27.50
CA TYR B 425 -14.49 -4.39 26.07
C TYR B 425 -13.71 -3.12 25.76
N LEU B 426 -12.81 -3.20 24.80
CA LEU B 426 -11.94 -2.10 24.42
C LEU B 426 -12.37 -1.51 23.09
N ASN B 427 -12.09 -0.23 22.90
CA ASN B 427 -12.36 0.42 21.64
C ASN B 427 -11.34 -0.05 20.62
N PRO B 428 -11.76 -0.63 19.49
CA PRO B 428 -10.79 -1.24 18.57
C PRO B 428 -9.75 -0.24 18.07
N GLY B 429 -8.51 -0.69 18.00
CA GLY B 429 -7.42 0.17 17.60
C GLY B 429 -7.12 1.30 18.55
N VAL B 430 -7.11 1.01 19.86
CA VAL B 430 -7.04 2.09 20.85
C VAL B 430 -5.67 2.74 20.87
N PHE B 431 -4.61 1.93 20.83
CA PHE B 431 -3.25 2.48 20.89
C PHE B 431 -2.45 2.20 19.63
N THR B 432 -3.08 2.36 18.46
CA THR B 432 -2.45 1.99 17.20
C THR B 432 -2.54 3.15 16.23
N GLN B 433 -1.61 3.17 15.28
CA GLN B 433 -1.57 4.19 14.23
C GLN B 433 -1.85 3.61 12.85
N SER B 434 -2.27 2.35 12.77
CA SER B 434 -2.62 1.73 11.49
C SER B 434 -3.59 0.59 11.77
N ARG B 435 -4.24 0.14 10.69
CA ARG B 435 -5.26 -0.90 10.79
C ARG B 435 -4.80 -2.25 10.25
N ARG B 436 -3.53 -2.38 9.86
CA ARG B 436 -3.05 -3.59 9.23
C ARG B 436 -2.91 -4.76 10.20
N TRP B 437 -3.04 -4.52 11.51
CA TRP B 437 -2.96 -5.61 12.48
C TRP B 437 -4.13 -6.58 12.38
N LYS B 438 -5.19 -6.23 11.65
CA LYS B 438 -6.39 -7.05 11.59
C LYS B 438 -6.26 -8.26 10.68
N ASP B 439 -5.24 -8.32 9.82
CA ASP B 439 -5.12 -9.38 8.84
C ASP B 439 -3.91 -10.28 9.05
N HIS B 440 -3.07 -10.02 10.04
CA HIS B 440 -1.84 -10.75 10.22
C HIS B 440 -1.71 -11.22 11.66
N ALA B 441 -1.28 -12.47 11.83
CA ALA B 441 -1.21 -13.08 13.15
C ALA B 441 0.00 -12.59 13.95
N ASP B 442 1.11 -12.32 13.29
CA ASP B 442 2.27 -11.78 14.00
C ASP B 442 1.96 -10.41 14.58
N MET B 443 1.31 -9.55 13.80
CA MET B 443 0.92 -8.24 14.32
C MET B 443 -0.14 -8.35 15.40
N LEU B 444 -1.05 -9.33 15.29
CA LEU B 444 -2.01 -9.53 16.37
C LEU B 444 -1.33 -9.97 17.66
N LYS B 445 -0.32 -10.83 17.57
CA LYS B 445 0.44 -11.22 18.75
C LYS B 445 1.15 -10.03 19.36
N GLN B 446 1.78 -9.20 18.53
CA GLN B 446 2.43 -7.99 19.06
C GLN B 446 1.43 -7.07 19.73
N TYR B 447 0.25 -6.88 19.11
CA TYR B 447 -0.77 -6.01 19.68
C TYR B 447 -1.25 -6.55 21.01
N ALA B 448 -1.47 -7.85 21.12
CA ALA B 448 -1.92 -8.44 22.38
C ALA B 448 -0.88 -8.27 23.48
N THR B 449 0.40 -8.46 23.15
CA THR B 449 1.44 -8.25 24.15
C THR B 449 1.50 -6.80 24.61
N CYS B 450 1.40 -5.85 23.66
CA CYS B 450 1.40 -4.44 24.02
C CYS B 450 0.22 -4.11 24.92
N LEU B 451 -0.97 -4.62 24.57
CA LEU B 451 -2.15 -4.36 25.40
C LEU B 451 -2.00 -4.94 26.79
N SER B 452 -1.47 -6.16 26.88
CA SER B 452 -1.29 -6.76 28.20
C SER B 452 -0.30 -5.99 29.06
N ARG B 453 0.73 -5.38 28.45
CA ARG B 453 1.64 -4.55 29.22
C ARG B 453 1.08 -3.17 29.56
N LEU B 454 0.20 -2.60 28.73
CA LEU B 454 -0.32 -1.27 28.96
C LEU B 454 -1.53 -1.25 29.90
N LEU B 455 -2.39 -2.27 29.84
CA LEU B 455 -3.60 -2.24 30.65
C LEU B 455 -3.34 -2.14 32.14
N PRO B 456 -2.38 -2.86 32.73
CA PRO B 456 -2.17 -2.78 34.18
C PRO B 456 -2.13 -1.37 34.75
N LYS B 457 -1.80 -0.38 33.92
CA LYS B 457 -1.79 1.00 34.40
C LYS B 457 -3.19 1.60 34.46
N TYR B 458 -4.22 0.89 34.01
CA TYR B 458 -5.60 1.30 34.16
C TYR B 458 -6.35 0.40 35.15
N ASN B 459 -5.62 -0.32 35.99
CA ASN B 459 -6.22 -1.21 37.00
C ASN B 459 -6.90 -2.42 36.34
N VAL B 460 -6.21 -3.03 35.39
CA VAL B 460 -6.63 -4.31 34.81
C VAL B 460 -5.42 -5.23 34.92
N THR B 461 -5.49 -6.19 35.84
CA THR B 461 -4.33 -7.03 36.16
C THR B 461 -4.41 -8.36 35.43
N GLU B 462 -3.26 -8.79 34.89
CA GLU B 462 -3.11 -10.07 34.20
C GLU B 462 -4.25 -10.31 33.20
N PRO B 463 -4.47 -9.38 32.27
CA PRO B 463 -5.63 -9.51 31.38
C PRO B 463 -5.49 -10.68 30.42
N GLN B 464 -6.61 -11.29 30.08
CA GLN B 464 -6.71 -12.22 28.96
C GLN B 464 -7.51 -11.51 27.87
N ILE B 465 -7.01 -11.56 26.63
CA ILE B 465 -7.58 -10.79 25.54
C ILE B 465 -8.01 -11.73 24.41
N TYR B 466 -9.22 -11.53 23.92
CA TYR B 466 -9.80 -12.30 22.82
C TYR B 466 -10.20 -11.36 21.70
N PHE B 467 -10.04 -11.80 20.46
CA PHE B 467 -10.32 -10.97 19.29
C PHE B 467 -11.41 -11.61 18.43
N ASP B 468 -12.19 -10.76 17.76
CA ASP B 468 -13.29 -11.20 16.92
C ASP B 468 -13.39 -10.26 15.72
N ILE B 469 -12.80 -10.68 14.60
CA ILE B 469 -12.70 -9.85 13.40
C ILE B 469 -13.41 -10.54 12.24
N TRP B 470 -14.25 -9.80 11.54
CA TRP B 470 -14.98 -10.30 10.38
C TRP B 470 -14.44 -9.64 9.12
N VAL B 471 -14.06 -10.44 8.13
CA VAL B 471 -13.45 -9.94 6.91
C VAL B 471 -14.10 -10.60 5.70
N SER B 472 -14.05 -9.90 4.56
CA SER B 472 -14.51 -10.40 3.28
C SER B 472 -13.52 -9.95 2.22
N ILE B 473 -13.07 -10.90 1.39
CA ILE B 473 -12.04 -10.63 0.39
C ILE B 473 -12.62 -10.89 -1.00
N ASN B 474 -12.58 -9.87 -1.86
CA ASN B 474 -13.10 -9.94 -3.22
C ASN B 474 -14.56 -10.38 -3.25
N ASP B 475 -15.38 -9.73 -2.43
CA ASP B 475 -16.83 -9.90 -2.44
C ASP B 475 -17.26 -11.32 -2.10
N ARG B 476 -16.62 -11.91 -1.10
CA ARG B 476 -17.01 -13.20 -0.59
C ARG B 476 -17.88 -13.03 0.65
N PHE B 477 -18.32 -14.16 1.21
CA PHE B 477 -19.04 -14.11 2.48
C PHE B 477 -18.14 -13.55 3.56
N GLN B 478 -18.73 -12.74 4.44
CA GLN B 478 -18.01 -12.28 5.62
C GLN B 478 -17.80 -13.45 6.57
N GLN B 479 -16.60 -13.55 7.15
CA GLN B 479 -16.28 -14.67 8.03
C GLN B 479 -15.19 -14.26 9.01
N ARG B 480 -15.07 -15.05 10.07
CA ARG B 480 -14.03 -14.83 11.07
C ARG B 480 -12.67 -15.26 10.54
N ILE B 481 -11.63 -14.52 10.91
CA ILE B 481 -10.28 -14.80 10.42
C ILE B 481 -9.43 -15.39 11.53
N PHE B 482 -9.83 -15.18 12.78
CA PHE B 482 -9.14 -15.73 13.94
C PHE B 482 -10.14 -16.44 14.83
N ASP B 483 -9.64 -17.42 15.57
CA ASP B 483 -10.49 -18.15 16.50
C ASP B 483 -10.88 -17.23 17.66
N PRO B 484 -12.16 -16.97 17.89
CA PRO B 484 -12.55 -15.99 18.91
C PRO B 484 -12.55 -16.54 20.34
N ARG B 485 -12.18 -17.80 20.55
CA ARG B 485 -12.16 -18.40 21.88
C ARG B 485 -10.75 -18.57 22.42
N VAL B 486 -9.75 -18.00 21.76
CA VAL B 486 -8.35 -18.22 22.11
C VAL B 486 -7.79 -16.94 22.73
N ASP B 487 -7.12 -17.10 23.86
CA ASP B 487 -6.45 -15.99 24.53
C ASP B 487 -5.14 -15.70 23.81
N ILE B 488 -5.11 -14.63 23.01
CA ILE B 488 -3.96 -14.35 22.17
C ILE B 488 -2.72 -14.05 22.99
N VAL B 489 -2.90 -13.58 24.22
CA VAL B 489 -1.74 -13.23 25.05
C VAL B 489 -0.86 -14.45 25.29
N GLN B 490 -1.47 -15.60 25.56
CA GLN B 490 -0.74 -16.83 25.83
C GLN B 490 -0.64 -17.75 24.63
N ALA B 491 -1.29 -17.42 23.52
CA ALA B 491 -1.26 -18.28 22.34
C ALA B 491 0.16 -18.36 21.79
N ALA B 492 0.45 -19.47 21.11
CA ALA B 492 1.78 -19.76 20.62
C ALA B 492 1.96 -19.23 19.20
N TRP B 493 3.07 -18.55 18.96
CA TRP B 493 3.42 -18.07 17.63
C TRP B 493 4.92 -18.23 17.42
N SER B 494 5.30 -18.72 16.24
CA SER B 494 6.69 -18.88 15.86
C SER B 494 6.84 -18.51 14.39
N PRO B 495 7.99 -17.94 14.00
CA PRO B 495 8.16 -17.51 12.61
C PRO B 495 8.09 -18.63 11.60
N PHE B 496 8.52 -19.85 11.95
CA PHE B 496 8.66 -20.94 11.00
C PHE B 496 7.63 -22.04 11.19
N GLN B 497 6.54 -21.75 11.92
CA GLN B 497 5.49 -22.72 12.17
C GLN B 497 4.14 -22.11 11.78
N ARG B 498 3.30 -22.92 11.15
CA ARG B 498 1.98 -22.46 10.73
C ARG B 498 1.12 -22.12 11.94
N THR B 499 0.44 -20.98 11.89
CA THR B 499 -0.35 -20.53 13.02
C THR B 499 -1.59 -21.38 13.20
N SER B 500 -1.81 -21.84 14.43
CA SER B 500 -2.91 -22.73 14.74
C SER B 500 -4.26 -22.04 14.80
N TRP B 501 -4.32 -20.81 15.33
CA TRP B 501 -5.57 -20.13 15.58
C TRP B 501 -6.01 -19.23 14.43
N VAL B 502 -5.65 -19.55 13.20
CA VAL B 502 -6.12 -18.84 12.02
C VAL B 502 -7.23 -19.66 11.37
N GLN B 503 -8.37 -19.03 11.13
CA GLN B 503 -9.49 -19.74 10.52
C GLN B 503 -9.26 -19.90 9.02
N PRO B 504 -9.45 -21.12 8.49
CA PRO B 504 -9.28 -21.31 7.04
C PRO B 504 -10.30 -20.52 6.25
N LEU B 505 -9.88 -20.05 5.08
CA LEU B 505 -10.79 -19.33 4.20
C LEU B 505 -11.74 -20.33 3.53
N LEU B 506 -13.03 -20.02 3.57
CA LEU B 506 -14.06 -20.88 3.00
C LEU B 506 -14.15 -20.61 1.51
N MET B 507 -13.33 -21.31 0.73
CA MET B 507 -13.32 -21.13 -0.72
C MET B 507 -14.37 -21.96 -1.43
N ASP B 508 -15.05 -22.88 -0.72
CA ASP B 508 -16.12 -23.64 -1.34
C ASP B 508 -17.36 -22.79 -1.56
N LEU B 509 -17.45 -21.63 -0.92
CA LEU B 509 -18.60 -20.75 -1.05
C LEU B 509 -18.38 -19.65 -2.09
N SER B 510 -17.24 -19.67 -2.80
CA SER B 510 -17.01 -18.67 -3.83
C SER B 510 -18.08 -18.66 -4.91
N PRO B 511 -18.56 -19.81 -5.40
CA PRO B 511 -19.57 -19.79 -6.47
C PRO B 511 -20.83 -19.02 -6.12
N TRP B 512 -21.03 -18.68 -4.84
CA TRP B 512 -22.22 -17.95 -4.45
C TRP B 512 -22.22 -16.49 -4.86
N ARG B 513 -21.08 -15.97 -5.32
CA ARG B 513 -20.96 -14.53 -5.51
C ARG B 513 -21.95 -13.99 -6.55
N ALA B 514 -22.23 -14.77 -7.60
CA ALA B 514 -23.18 -14.33 -8.60
C ALA B 514 -24.57 -14.15 -7.99
N LYS B 515 -25.02 -15.13 -7.20
CA LYS B 515 -26.33 -15.05 -6.56
C LYS B 515 -26.36 -13.91 -5.54
N LEU B 516 -25.25 -13.72 -4.82
CA LEU B 516 -25.14 -12.62 -3.88
C LEU B 516 -25.32 -11.28 -4.59
N GLN B 517 -24.64 -11.10 -5.73
CA GLN B 517 -24.77 -9.85 -6.48
C GLN B 517 -26.17 -9.66 -7.01
N GLU B 518 -26.81 -10.75 -7.46
CA GLU B 518 -28.20 -10.64 -7.90
C GLU B 518 -29.10 -10.15 -6.77
N ILE B 519 -28.96 -10.75 -5.58
CA ILE B 519 -29.76 -10.33 -4.44
C ILE B 519 -29.51 -8.85 -4.14
N LYS B 520 -28.24 -8.45 -4.10
CA LYS B 520 -27.93 -7.07 -3.77
C LYS B 520 -28.51 -6.09 -4.78
N SER B 521 -28.45 -6.45 -6.07
CA SER B 521 -28.96 -5.55 -7.10
C SER B 521 -30.49 -5.55 -7.15
N SER B 522 -31.13 -6.57 -6.58
CA SER B 522 -32.59 -6.61 -6.56
C SER B 522 -33.20 -5.81 -5.41
N LEU B 523 -32.38 -5.22 -4.54
CA LEU B 523 -32.90 -4.55 -3.36
C LEU B 523 -33.45 -3.17 -3.71
N ASP B 524 -34.24 -2.63 -2.78
CA ASP B 524 -34.79 -1.29 -2.85
C ASP B 524 -33.72 -0.28 -2.41
N ASN B 525 -33.95 1.00 -2.73
CA ASN B 525 -32.88 1.99 -2.52
C ASN B 525 -32.73 2.38 -1.05
N HIS B 526 -33.62 1.92 -0.17
CA HIS B 526 -33.54 2.19 1.26
C HIS B 526 -33.24 0.93 2.07
N THR B 527 -32.81 -0.15 1.43
CA THR B 527 -32.57 -1.42 2.10
C THR B 527 -31.11 -1.82 1.95
N GLU B 528 -30.59 -2.52 2.94
CA GLU B 528 -29.21 -2.99 2.96
C GLU B 528 -29.14 -4.45 3.37
N VAL B 529 -28.07 -5.12 2.99
CA VAL B 529 -27.92 -6.55 3.20
C VAL B 529 -26.48 -6.87 3.59
N VAL B 530 -26.31 -7.82 4.49
CA VAL B 530 -25.00 -8.29 4.95
C VAL B 530 -25.01 -9.81 4.87
N PHE B 531 -23.95 -10.38 4.30
CA PHE B 531 -23.85 -11.83 4.09
C PHE B 531 -22.80 -12.41 5.03
N ILE B 532 -23.16 -13.46 5.75
CA ILE B 532 -22.32 -14.02 6.81
C ILE B 532 -22.26 -15.53 6.66
N ALA B 533 -21.08 -16.10 6.93
CA ALA B 533 -20.88 -17.55 6.96
C ALA B 533 -20.13 -17.90 8.23
N ASP B 534 -20.66 -18.85 9.00
CA ASP B 534 -20.16 -19.16 10.32
C ASP B 534 -19.79 -20.63 10.43
N PHE B 535 -18.80 -20.93 11.28
CA PHE B 535 -18.30 -22.29 11.45
C PHE B 535 -19.15 -23.07 12.46
N PRO B 536 -19.15 -24.39 12.36
CA PRO B 536 -19.91 -25.20 13.32
C PRO B 536 -19.37 -25.04 14.73
N GLY B 537 -20.28 -25.06 15.71
CA GLY B 537 -19.92 -24.90 17.09
C GLY B 537 -19.70 -23.47 17.54
N LEU B 538 -19.95 -22.50 16.68
CA LEU B 538 -19.77 -21.09 16.99
C LEU B 538 -21.11 -20.38 16.93
N HIS B 539 -21.19 -19.23 17.58
CA HIS B 539 -22.39 -18.40 17.57
C HIS B 539 -22.01 -16.95 17.38
N LEU B 540 -22.97 -16.16 16.91
CA LEU B 540 -22.80 -14.73 16.74
C LEU B 540 -23.81 -14.01 17.61
N GLU B 541 -23.32 -13.18 18.53
CA GLU B 541 -24.18 -12.37 19.40
C GLU B 541 -24.29 -10.98 18.79
N ASN B 542 -25.51 -10.50 18.61
CA ASN B 542 -25.76 -9.27 17.87
C ASN B 542 -26.72 -8.38 18.65
N PHE B 543 -26.39 -7.09 18.73
CA PHE B 543 -27.28 -6.07 19.29
C PHE B 543 -27.80 -5.24 18.13
N VAL B 544 -29.13 -5.25 17.95
CA VAL B 544 -29.74 -4.48 16.86
C VAL B 544 -30.15 -3.11 17.38
N SER B 545 -29.65 -2.07 16.74
CA SER B 545 -29.93 -0.70 17.18
C SER B 545 -31.41 -0.38 17.06
N GLU B 546 -31.87 0.54 17.90
CA GLU B 546 -33.28 0.94 17.85
C GLU B 546 -33.63 1.59 16.53
N ASP B 547 -32.66 2.20 15.85
CA ASP B 547 -32.94 2.81 14.56
C ASP B 547 -33.31 1.76 13.52
N LEU B 548 -32.72 0.56 13.63
CA LEU B 548 -32.88 -0.47 12.60
C LEU B 548 -34.19 -1.24 12.79
N GLY B 549 -35.30 -0.50 12.78
CA GLY B 549 -36.58 -1.14 12.74
C GLY B 549 -36.80 -1.88 11.43
N ASN B 550 -37.57 -2.97 11.50
CA ASN B 550 -37.81 -3.83 10.35
C ASN B 550 -36.49 -4.44 9.84
N THR B 551 -35.91 -5.29 10.69
CA THR B 551 -34.75 -6.09 10.35
C THR B 551 -35.13 -7.57 10.37
N SER B 552 -34.58 -8.34 9.43
CA SER B 552 -34.91 -9.75 9.30
C SER B 552 -33.68 -10.54 8.89
N ILE B 553 -33.74 -11.85 9.12
CA ILE B 553 -32.66 -12.78 8.80
C ILE B 553 -33.23 -13.94 8.01
N GLN B 554 -32.54 -14.33 6.94
CA GLN B 554 -32.95 -15.45 6.10
C GLN B 554 -31.78 -16.42 5.94
N LEU B 555 -32.08 -17.72 6.03
CA LEU B 555 -31.06 -18.75 5.90
C LEU B 555 -30.84 -19.11 4.44
N LEU B 556 -29.58 -19.36 4.08
CA LEU B 556 -29.23 -19.76 2.71
C LEU B 556 -28.64 -21.15 2.61
N GLN B 557 -27.96 -21.63 3.63
CA GLN B 557 -27.30 -22.93 3.57
C GLN B 557 -27.05 -23.42 4.99
N GLY B 558 -27.20 -24.73 5.18
CA GLY B 558 -27.03 -25.30 6.50
C GLY B 558 -28.25 -25.09 7.38
N GLU B 559 -27.99 -25.13 8.70
CA GLU B 559 -29.08 -24.94 9.69
C GLU B 559 -28.54 -24.11 10.86
N VAL B 560 -29.33 -23.14 11.34
CA VAL B 560 -28.95 -22.30 12.46
C VAL B 560 -30.13 -22.21 13.42
N THR B 561 -29.82 -21.93 14.69
CA THR B 561 -30.83 -21.71 15.72
C THR B 561 -30.68 -20.28 16.22
N VAL B 562 -31.78 -19.52 16.20
CA VAL B 562 -31.77 -18.13 16.63
C VAL B 562 -32.43 -18.04 18.01
N GLU B 563 -31.75 -17.40 18.94
CA GLU B 563 -32.22 -17.27 20.32
C GLU B 563 -32.54 -15.81 20.61
N LEU B 564 -33.73 -15.57 21.18
CA LEU B 564 -34.11 -14.25 21.66
C LEU B 564 -33.71 -14.17 23.13
N VAL B 565 -32.64 -13.42 23.41
CA VAL B 565 -32.03 -13.44 24.74
C VAL B 565 -33.03 -12.95 25.79
N ALA B 566 -33.72 -11.85 25.50
CA ALA B 566 -34.65 -11.30 26.47
C ALA B 566 -35.79 -12.27 26.77
N GLU B 567 -36.37 -12.88 25.74
CA GLU B 567 -37.50 -13.77 25.91
C GLU B 567 -37.11 -15.20 26.22
N GLN B 568 -35.84 -15.57 26.05
CA GLN B 568 -35.37 -16.94 26.28
C GLN B 568 -36.15 -17.93 25.41
N LYS B 569 -36.21 -17.64 24.12
CA LYS B 569 -36.92 -18.47 23.16
C LYS B 569 -35.97 -18.90 22.04
N ASN B 570 -36.07 -20.18 21.67
CA ASN B 570 -35.23 -20.77 20.64
C ASN B 570 -36.11 -21.19 19.46
N GLN B 571 -35.69 -20.81 18.26
CA GLN B 571 -36.38 -21.22 17.03
C GLN B 571 -35.36 -21.68 16.01
N THR B 572 -35.70 -22.71 15.25
CA THR B 572 -34.80 -23.29 14.26
C THR B 572 -35.26 -22.92 12.86
N LEU B 573 -34.30 -22.56 12.00
CA LEU B 573 -34.58 -22.14 10.64
C LEU B 573 -34.14 -23.21 9.64
N ARG B 574 -34.77 -23.18 8.47
CA ARG B 574 -34.45 -24.06 7.37
C ARG B 574 -34.20 -23.24 6.11
N GLU B 575 -33.60 -23.90 5.11
CA GLU B 575 -33.24 -23.21 3.88
C GLU B 575 -34.40 -22.38 3.34
N GLY B 576 -34.19 -21.08 3.23
CA GLY B 576 -35.18 -20.17 2.72
C GLY B 576 -36.15 -19.62 3.75
N GLU B 577 -36.01 -20.03 5.01
CA GLU B 577 -36.90 -19.54 6.06
C GLU B 577 -36.37 -18.24 6.63
N LYS B 578 -37.24 -17.24 6.73
CA LYS B 578 -36.87 -15.93 7.25
C LYS B 578 -37.60 -15.67 8.57
N MET B 579 -37.02 -14.79 9.38
CA MET B 579 -37.52 -14.51 10.72
C MET B 579 -37.31 -13.04 11.04
N GLN B 580 -38.35 -12.40 11.57
CA GLN B 580 -38.22 -11.01 11.98
C GLN B 580 -37.56 -10.93 13.36
N LEU B 581 -36.68 -9.95 13.52
CA LEU B 581 -35.90 -9.78 14.73
C LEU B 581 -36.30 -8.49 15.45
N PRO B 582 -36.36 -8.52 16.78
CA PRO B 582 -36.70 -7.30 17.52
C PRO B 582 -35.59 -6.27 17.43
N ALA B 583 -35.97 -5.00 17.49
CA ALA B 583 -35.01 -3.90 17.47
C ALA B 583 -34.69 -3.45 18.89
N GLY B 584 -33.42 -3.13 19.12
CA GLY B 584 -32.98 -2.72 20.43
C GLY B 584 -32.87 -3.83 21.45
N GLU B 585 -32.50 -5.04 21.02
CA GLU B 585 -32.37 -6.17 21.91
C GLU B 585 -31.24 -7.06 21.42
N TYR B 586 -30.98 -8.13 22.17
CA TYR B 586 -29.95 -9.10 21.83
C TYR B 586 -30.58 -10.32 21.18
N HIS B 587 -29.88 -10.89 20.21
CA HIS B 587 -30.23 -12.17 19.63
C HIS B 587 -28.95 -12.90 19.25
N LYS B 588 -28.97 -14.23 19.37
CA LYS B 588 -27.80 -15.05 19.11
C LYS B 588 -28.12 -16.07 18.03
N VAL B 589 -27.17 -16.29 17.12
CA VAL B 589 -27.32 -17.23 16.03
C VAL B 589 -26.33 -18.36 16.26
N TYR B 590 -26.85 -19.56 16.53
CA TYR B 590 -26.03 -20.74 16.73
C TYR B 590 -25.97 -21.54 15.44
N THR B 591 -24.77 -21.94 15.05
CA THR B 591 -24.59 -22.80 13.88
C THR B 591 -24.48 -24.25 14.35
N THR B 592 -25.54 -25.01 14.14
CA THR B 592 -25.61 -26.40 14.59
C THR B 592 -25.37 -27.40 13.46
N SER B 593 -25.21 -26.93 12.23
CA SER B 593 -24.94 -27.83 11.13
C SER B 593 -23.53 -28.39 11.23
N PRO B 594 -23.26 -29.55 10.62
CA PRO B 594 -21.89 -30.07 10.62
C PRO B 594 -20.99 -29.35 9.64
N SER B 595 -21.55 -28.52 8.77
CA SER B 595 -20.81 -27.70 7.83
C SER B 595 -21.14 -26.23 8.03
N PRO B 596 -20.30 -25.33 7.54
CA PRO B 596 -20.56 -23.89 7.74
C PRO B 596 -21.90 -23.48 7.14
N SER B 597 -22.57 -22.57 7.82
CA SER B 597 -23.87 -22.06 7.39
C SER B 597 -23.73 -20.70 6.72
N CYS B 598 -24.72 -20.37 5.91
CA CYS B 598 -24.78 -19.08 5.22
C CYS B 598 -26.12 -18.44 5.50
N TYR B 599 -26.10 -17.14 5.80
CA TYR B 599 -27.33 -16.38 5.99
C TYR B 599 -27.06 -14.92 5.76
N MET B 600 -28.13 -14.15 5.55
CA MET B 600 -28.02 -12.74 5.22
C MET B 600 -28.94 -11.91 6.10
N TYR B 601 -28.52 -10.68 6.36
CA TYR B 601 -29.26 -9.72 7.17
C TYR B 601 -29.83 -8.67 6.23
N VAL B 602 -31.13 -8.44 6.30
CA VAL B 602 -31.79 -7.40 5.52
C VAL B 602 -32.49 -6.45 6.49
N TYR B 603 -32.13 -5.17 6.43
CA TYR B 603 -32.62 -4.20 7.39
C TYR B 603 -32.87 -2.86 6.70
N VAL B 604 -33.72 -2.05 7.34
CA VAL B 604 -34.03 -0.70 6.90
C VAL B 604 -33.83 0.26 8.06
N ASN B 605 -33.17 1.38 7.81
CA ASN B 605 -32.97 2.40 8.82
C ASN B 605 -34.27 3.19 8.97
N THR B 606 -35.13 2.75 9.87
CA THR B 606 -36.46 3.40 10.03
C THR B 606 -36.27 4.89 10.38
N THR B 607 -35.37 5.18 11.33
CA THR B 607 -35.16 6.59 11.79
C THR B 607 -34.80 7.47 10.59
N GLU B 608 -33.81 7.07 9.79
CA GLU B 608 -33.35 7.91 8.66
C GLU B 608 -34.52 8.16 7.70
N LEU B 609 -35.24 7.10 7.34
CA LEU B 609 -36.37 7.23 6.38
C LEU B 609 -37.35 8.29 6.88
N ALA B 610 -37.78 8.18 8.14
CA ALA B 610 -38.78 9.13 8.69
C ALA B 610 -38.22 10.56 8.62
N LEU B 611 -37.00 10.76 9.10
CA LEU B 611 -36.38 12.12 9.10
C LEU B 611 -36.34 12.64 7.66
N GLU B 612 -35.88 11.81 6.72
CA GLU B 612 -35.77 12.23 5.30
C GLU B 612 -37.15 12.68 4.81
N GLN B 613 -38.18 11.86 5.06
CA GLN B 613 -39.55 12.19 4.57
C GLN B 613 -39.99 13.53 5.15
N ASP B 614 -39.82 13.72 6.47
CA ASP B 614 -40.27 14.97 7.12
C ASP B 614 -39.55 16.17 6.49
N LEU B 615 -38.22 16.09 6.36
CA LEU B 615 -37.43 17.22 5.81
C LEU B 615 -37.89 17.49 4.36
N ALA B 616 -38.10 16.43 3.58
CA ALA B 616 -38.52 16.59 2.17
C ALA B 616 -39.84 17.36 2.13
N TYR B 617 -40.82 16.95 2.94
CA TYR B 617 -42.12 17.65 2.98
C TYR B 617 -41.92 19.10 3.39
N LEU B 618 -41.10 19.32 4.44
CA LEU B 618 -40.86 20.70 4.94
C LEU B 618 -40.30 21.56 3.79
N GLN B 619 -39.29 21.06 3.10
CA GLN B 619 -38.66 21.82 1.99
C GLN B 619 -39.71 22.08 0.91
N GLU B 620 -40.48 21.06 0.55
CA GLU B 620 -41.51 21.21 -0.53
C GLU B 620 -42.52 22.29 -0.12
N LEU B 621 -42.98 22.25 1.13
CA LEU B 621 -43.99 23.24 1.60
C LEU B 621 -43.39 24.65 1.52
N LYS B 622 -42.16 24.81 2.01
CA LYS B 622 -41.49 26.13 1.98
C LYS B 622 -41.32 26.58 0.52
N GLU B 623 -40.90 25.65 -0.35
CA GLU B 623 -40.71 25.98 -1.79
C GLU B 623 -42.06 26.40 -2.38
N LYS B 624 -43.13 25.68 -2.07
CA LYS B 624 -44.48 26.00 -2.60
C LYS B 624 -44.88 27.40 -2.13
N VAL B 625 -44.65 27.70 -0.85
CA VAL B 625 -44.99 29.05 -0.30
C VAL B 625 -44.20 30.11 -1.08
N GLU B 626 -42.90 29.86 -1.29
CA GLU B 626 -42.04 30.81 -2.04
C GLU B 626 -42.51 30.89 -3.49
N ASN B 627 -42.92 29.76 -4.07
CA ASN B 627 -43.34 29.73 -5.49
C ASN B 627 -44.50 30.70 -5.70
N GLY B 628 -45.46 30.73 -4.77
CA GLY B 628 -46.62 31.62 -4.87
C GLY B 628 -47.84 31.02 -4.20
N SER B 629 -47.94 29.69 -4.20
CA SER B 629 -49.05 29.02 -3.53
C SER B 629 -48.93 29.18 -2.01
N GLU B 630 -49.85 28.55 -1.29
CA GLU B 630 -49.90 28.62 0.17
C GLU B 630 -50.02 30.08 0.64
N THR B 653 -35.62 24.25 15.52
CA THR B 653 -35.72 22.82 15.77
C THR B 653 -34.58 22.09 15.06
N PRO B 654 -34.21 20.90 15.54
CA PRO B 654 -33.16 20.13 14.86
C PRO B 654 -33.48 19.80 13.41
N LEU B 655 -34.76 19.68 13.06
CA LEU B 655 -35.12 19.45 11.67
C LEU B 655 -34.73 20.64 10.79
N VAL B 656 -34.99 21.85 11.27
CA VAL B 656 -34.63 23.04 10.51
C VAL B 656 -33.11 23.15 10.37
N GLN B 657 -32.38 22.85 11.45
CA GLN B 657 -30.92 22.88 11.38
C GLN B 657 -30.40 21.85 10.40
N THR B 658 -30.99 20.65 10.40
CA THR B 658 -30.57 19.62 9.45
C THR B 658 -30.84 20.04 8.02
N PHE B 659 -32.01 20.62 7.79
CA PHE B 659 -32.38 21.08 6.43
C PHE B 659 -31.39 22.15 5.97
N LEU B 660 -31.20 23.19 6.79
CA LEU B 660 -30.28 24.29 6.42
C LEU B 660 -28.87 23.74 6.22
N ARG B 661 -28.44 22.84 7.12
CA ARG B 661 -27.09 22.24 7.01
C ARG B 661 -26.97 21.50 5.68
N ARG B 662 -27.98 20.71 5.33
CA ARG B 662 -27.99 20.00 4.02
C ARG B 662 -27.78 21.03 2.91
N GLN B 663 -28.62 22.06 2.86
CA GLN B 663 -28.52 23.10 1.81
C GLN B 663 -27.11 23.70 1.83
N GLN B 664 -26.61 24.03 3.02
CA GLN B 664 -25.26 24.64 3.14
C GLN B 664 -24.22 23.71 2.50
N ARG B 665 -24.26 22.43 2.86
CA ARG B 665 -23.28 21.45 2.31
C ARG B 665 -23.44 21.39 0.79
N LEU B 666 -24.68 21.28 0.31
CA LEU B 666 -24.95 21.19 -1.15
C LEU B 666 -24.34 22.42 -1.84
N GLN B 667 -24.56 23.61 -1.27
CA GLN B 667 -24.04 24.87 -1.89
C GLN B 667 -22.52 24.77 -1.98
N GLU B 668 -21.86 24.32 -0.91
CA GLU B 668 -20.38 24.19 -0.90
C GLU B 668 -19.96 23.21 -2.01
N ILE B 669 -20.65 22.08 -2.12
CA ILE B 669 -20.30 21.05 -3.15
C ILE B 669 -20.45 21.68 -4.54
N GLU B 670 -21.52 22.45 -4.76
CA GLU B 670 -21.76 23.08 -6.09
C GLU B 670 -20.57 23.98 -6.43
N ARG B 671 -20.16 24.83 -5.48
CA ARG B 671 -19.01 25.74 -5.71
C ARG B 671 -17.74 24.90 -5.94
N ARG B 672 -17.56 23.85 -5.14
CA ARG B 672 -16.38 22.96 -5.30
C ARG B 672 -16.36 22.39 -6.72
N ARG B 673 -17.51 21.91 -7.21
CA ARG B 673 -17.58 21.35 -8.58
C ARG B 673 -17.29 22.45 -9.60
N ASN B 674 -17.95 23.60 -9.47
CA ASN B 674 -17.77 24.71 -10.43
C ASN B 674 -16.52 25.51 -10.04
N THR B 675 -15.34 24.95 -10.29
CA THR B 675 -14.06 25.64 -9.93
C THR B 675 -13.12 25.63 -11.15
N PRO B 676 -12.55 26.79 -11.56
CA PRO B 676 -11.60 26.83 -12.67
C PRO B 676 -10.43 25.87 -12.44
N PHE B 677 -10.03 25.12 -13.47
CA PHE B 677 -8.94 24.13 -13.34
C PHE B 677 -7.68 24.84 -12.81
N HIS B 678 -7.42 26.05 -13.28
CA HIS B 678 -6.19 26.79 -12.88
C HIS B 678 -6.19 27.00 -11.36
N GLU B 679 -7.35 27.40 -10.80
CA GLU B 679 -7.45 27.65 -9.34
C GLU B 679 -7.11 26.36 -8.59
N ARG B 680 -7.66 25.22 -9.05
CA ARG B 680 -7.40 23.92 -8.36
C ARG B 680 -5.90 23.62 -8.39
N PHE B 681 -5.25 23.80 -9.55
CA PHE B 681 -3.81 23.51 -9.69
C PHE B 681 -3.01 24.46 -8.78
N PHE B 682 -3.41 25.72 -8.72
CA PHE B 682 -2.72 26.71 -7.86
C PHE B 682 -2.79 26.24 -6.40
N ARG B 683 -3.98 25.83 -5.95
CA ARG B 683 -4.13 25.32 -4.56
C ARG B 683 -3.26 24.08 -4.38
N PHE B 684 -3.20 23.22 -5.40
CA PHE B 684 -2.37 21.99 -5.33
C PHE B 684 -0.92 22.37 -5.05
N LEU B 685 -0.39 23.33 -5.80
CA LEU B 685 1.03 23.75 -5.62
C LEU B 685 1.21 24.33 -4.21
N LEU B 686 0.23 25.13 -3.76
CA LEU B 686 0.34 25.77 -2.40
C LEU B 686 0.37 24.69 -1.32
N ARG B 687 -0.49 23.67 -1.44
CA ARG B 687 -0.50 22.56 -0.46
C ARG B 687 0.87 21.90 -0.45
N LYS B 688 1.40 21.56 -1.63
CA LYS B 688 2.73 20.91 -1.73
C LYS B 688 3.78 21.84 -1.12
N LEU B 689 3.69 23.14 -1.42
CA LEU B 689 4.67 24.12 -0.89
C LEU B 689 4.64 24.10 0.64
N TYR B 690 3.44 24.15 1.22
CA TYR B 690 3.31 24.10 2.71
C TYR B 690 4.04 22.86 3.23
N VAL B 691 3.69 21.69 2.70
CA VAL B 691 4.30 20.45 3.20
C VAL B 691 5.82 20.59 3.28
N PHE B 692 6.43 21.04 2.17
CA PHE B 692 7.89 21.12 2.15
C PHE B 692 8.43 22.11 3.17
N ARG B 693 7.80 23.29 3.26
CA ARG B 693 8.29 24.31 4.19
C ARG B 693 8.17 23.85 5.64
N ARG B 694 7.05 23.22 5.98
CA ARG B 694 6.88 22.74 7.35
C ARG B 694 7.94 21.69 7.69
N SER B 695 8.19 20.76 6.76
CA SER B 695 9.21 19.75 7.01
C SER B 695 10.57 20.40 7.26
N PHE B 696 10.93 21.38 6.42
CA PHE B 696 12.23 22.04 6.58
C PHE B 696 12.35 22.73 7.93
N LEU B 697 11.33 23.49 8.32
CA LEU B 697 11.40 24.25 9.58
C LEU B 697 11.48 23.32 10.78
N MET B 698 10.69 22.24 10.77
CA MET B 698 10.75 21.30 11.89
C MET B 698 12.12 20.65 11.99
N THR B 699 12.72 20.29 10.85
CA THR B 699 14.05 19.72 10.87
C THR B 699 15.06 20.71 11.45
N CYS B 700 14.95 21.99 11.06
CA CYS B 700 15.85 22.99 11.60
C CYS B 700 15.72 23.11 13.11
N ILE B 701 14.48 23.11 13.61
CA ILE B 701 14.27 23.22 15.05
C ILE B 701 14.93 22.05 15.78
N SER B 702 14.72 20.83 15.29
CA SER B 702 15.29 19.67 15.96
C SER B 702 16.81 19.68 15.91
N LEU B 703 17.38 20.09 14.77
CA LEU B 703 18.84 20.16 14.68
C LEU B 703 19.41 21.17 15.66
N ARG B 704 18.76 22.33 15.78
CA ARG B 704 19.22 23.32 16.75
C ARG B 704 19.16 22.78 18.16
N ASN B 705 18.05 22.10 18.51
CA ASN B 705 17.96 21.51 19.84
C ASN B 705 19.10 20.52 20.07
N LEU B 706 19.42 19.72 19.07
CA LEU B 706 20.52 18.76 19.22
C LEU B 706 21.85 19.45 19.44
N ILE B 707 22.13 20.52 18.69
CA ILE B 707 23.46 21.11 18.70
C ILE B 707 23.62 22.08 19.86
N LEU B 708 22.87 23.18 19.85
CA LEU B 708 23.07 24.22 20.86
C LEU B 708 22.50 23.80 22.21
N GLY B 709 21.30 23.23 22.21
CA GLY B 709 20.61 22.88 23.44
C GLY B 709 19.17 23.34 23.42
N ARG B 710 18.36 22.79 24.31
CA ARG B 710 16.94 23.09 24.33
C ARG B 710 16.71 24.51 24.86
N PRO B 711 16.03 25.38 24.12
CA PRO B 711 15.74 26.73 24.64
C PRO B 711 14.55 26.76 25.59
N SER B 712 14.14 27.95 26.00
CA SER B 712 13.01 28.08 26.91
C SER B 712 11.73 27.58 26.26
N LEU B 713 10.79 27.13 27.11
CA LEU B 713 9.58 26.50 26.60
C LEU B 713 8.77 27.46 25.73
N GLU B 714 8.67 28.72 26.15
CA GLU B 714 7.92 29.70 25.35
C GLU B 714 8.58 29.89 23.98
N GLN B 715 9.92 29.90 23.94
CA GLN B 715 10.62 30.02 22.67
C GLN B 715 10.28 28.86 21.76
N LEU B 716 10.25 27.64 22.31
CA LEU B 716 9.90 26.47 21.52
C LEU B 716 8.47 26.56 21.01
N ALA B 717 7.54 27.04 21.86
CA ALA B 717 6.15 27.18 21.43
C ALA B 717 6.04 28.17 20.28
N GLN B 718 6.74 29.29 20.37
CA GLN B 718 6.69 30.28 19.29
C GLN B 718 7.30 29.70 18.02
N GLU B 719 8.40 28.96 18.14
CA GLU B 719 9.02 28.35 16.96
C GLU B 719 8.07 27.37 16.30
N VAL B 720 7.38 26.56 17.09
CA VAL B 720 6.44 25.60 16.51
C VAL B 720 5.28 26.32 15.84
N THR B 721 4.80 27.40 16.46
CA THR B 721 3.74 28.18 15.84
C THR B 721 4.19 28.75 14.49
N TYR B 722 5.43 29.23 14.42
CA TYR B 722 5.96 29.70 13.15
C TYR B 722 6.06 28.58 12.13
N ALA B 723 6.49 27.40 12.56
CA ALA B 723 6.62 26.28 11.63
C ALA B 723 5.26 25.83 11.10
N ASN B 724 4.22 25.93 11.91
CA ASN B 724 2.90 25.48 11.54
C ASN B 724 2.13 26.51 10.72
N LEU B 725 2.71 27.67 10.45
CA LEU B 725 2.02 28.67 9.66
C LEU B 725 1.82 28.21 8.22
N ARG B 726 0.66 28.53 7.65
CA ARG B 726 0.39 28.20 6.27
C ARG B 726 1.22 29.09 5.35
N PRO B 727 1.40 28.68 4.10
CA PRO B 727 2.24 29.46 3.18
C PRO B 727 1.62 30.80 2.82
N PHE B 728 2.29 31.54 1.93
CA PHE B 728 1.86 32.87 1.49
C PHE B 728 1.08 33.64 2.54
#